data_1D56
# 
_entry.id   1D56 
# 
_audit_conform.dict_name       mmcif_pdbx.dic 
_audit_conform.dict_version    5.385 
_audit_conform.dict_location   http://mmcif.pdb.org/dictionaries/ascii/mmcif_pdbx.dic 
# 
loop_
_database_2.database_id 
_database_2.database_code 
_database_2.pdbx_database_accession 
_database_2.pdbx_DOI 
PDB   1D56         pdb_00001d56 10.2210/pdb1d56/pdb 
RCSB  BDJ036       ?            ?                   
WWPDB D_1000172657 ?            ?                   
# 
loop_
_pdbx_audit_revision_history.ordinal 
_pdbx_audit_revision_history.data_content_type 
_pdbx_audit_revision_history.major_revision 
_pdbx_audit_revision_history.minor_revision 
_pdbx_audit_revision_history.revision_date 
1 'Structure model' 1 0 1992-09-15 
2 'Structure model' 1 1 2008-05-22 
3 'Structure model' 1 2 2011-07-13 
4 'Structure model' 1 3 2024-02-07 
# 
_pdbx_audit_revision_details.ordinal             1 
_pdbx_audit_revision_details.revision_ordinal    1 
_pdbx_audit_revision_details.data_content_type   'Structure model' 
_pdbx_audit_revision_details.provider            repository 
_pdbx_audit_revision_details.type                'Initial release' 
_pdbx_audit_revision_details.description         ? 
_pdbx_audit_revision_details.details             ? 
# 
loop_
_pdbx_audit_revision_group.ordinal 
_pdbx_audit_revision_group.revision_ordinal 
_pdbx_audit_revision_group.data_content_type 
_pdbx_audit_revision_group.group 
1 2 'Structure model' 'Version format compliance' 
2 3 'Structure model' 'Version format compliance' 
3 4 'Structure model' 'Data collection'           
4 4 'Structure model' 'Database references'       
5 4 'Structure model' 'Derived calculations'      
# 
loop_
_pdbx_audit_revision_category.ordinal 
_pdbx_audit_revision_category.revision_ordinal 
_pdbx_audit_revision_category.data_content_type 
_pdbx_audit_revision_category.category 
1 4 'Structure model' chem_comp_atom         
2 4 'Structure model' chem_comp_bond         
3 4 'Structure model' database_2             
4 4 'Structure model' pdbx_struct_conn_angle 
5 4 'Structure model' struct_conn            
6 4 'Structure model' struct_site            
# 
loop_
_pdbx_audit_revision_item.ordinal 
_pdbx_audit_revision_item.revision_ordinal 
_pdbx_audit_revision_item.data_content_type 
_pdbx_audit_revision_item.item 
1  4 'Structure model' '_database_2.pdbx_DOI'                        
2  4 'Structure model' '_database_2.pdbx_database_accession'         
3  4 'Structure model' '_pdbx_struct_conn_angle.ptnr1_auth_asym_id'  
4  4 'Structure model' '_pdbx_struct_conn_angle.ptnr1_auth_seq_id'   
5  4 'Structure model' '_pdbx_struct_conn_angle.ptnr1_label_asym_id' 
6  4 'Structure model' '_pdbx_struct_conn_angle.ptnr3_auth_asym_id'  
7  4 'Structure model' '_pdbx_struct_conn_angle.ptnr3_auth_seq_id'   
8  4 'Structure model' '_pdbx_struct_conn_angle.ptnr3_label_asym_id' 
9  4 'Structure model' '_pdbx_struct_conn_angle.value'               
10 4 'Structure model' '_struct_conn.pdbx_dist_value'                
11 4 'Structure model' '_struct_conn.ptnr2_auth_asym_id'             
12 4 'Structure model' '_struct_conn.ptnr2_auth_seq_id'              
13 4 'Structure model' '_struct_conn.ptnr2_label_asym_id'            
14 4 'Structure model' '_struct_site.pdbx_auth_asym_id'              
15 4 'Structure model' '_struct_site.pdbx_auth_comp_id'              
16 4 'Structure model' '_struct_site.pdbx_auth_seq_id'               
# 
_pdbx_database_status.status_code                     REL 
_pdbx_database_status.entry_id                        1D56 
_pdbx_database_status.recvd_initial_deposition_date   1992-02-19 
_pdbx_database_status.deposit_site                    BNL 
_pdbx_database_status.process_site                    NDB 
_pdbx_database_status.status_code_sf                  REL 
_pdbx_database_status.status_code_mr                  ? 
_pdbx_database_status.SG_entry                        ? 
_pdbx_database_status.pdb_format_compatible           Y 
_pdbx_database_status.status_code_cs                  ? 
_pdbx_database_status.status_code_nmr_data            ? 
_pdbx_database_status.methods_development_category    ? 
# 
loop_
_audit_author.name 
_audit_author.pdbx_ordinal 
'Yuan, H.'        1 
'Quintana, J.'    2 
'Dickerson, R.E.' 3 
# 
loop_
_citation.id 
_citation.title 
_citation.journal_abbrev 
_citation.journal_volume 
_citation.page_first 
_citation.page_last 
_citation.year 
_citation.journal_id_ASTM 
_citation.country 
_citation.journal_id_ISSN 
_citation.journal_id_CSD 
_citation.book_publisher 
_citation.pdbx_database_id_PubMed 
_citation.pdbx_database_id_DOI 
primary 'Alternative structures for alternating poly(dA-dT) tracts: the structure of the B-DNA decamer C-G-A-T-A-T-A-T-C-G.' 
Biochemistry 31  8009 8021 1992 BICHAW US 0006-2960 0033 ? 1510987 10.1021/bi00149a035 
1       
'The Structure of B-Helical C-G-A-T-C-G-A-T-C-G and Comparison with C-C-A-A-C-G-T-T-G-G. The Effect of Base Pair Reversals' 
J.Biol.Chem. 266 8861 8883 1991 JBCHA3 US 0021-9258 0071 ? ?       ?                   
2       'Analysis of Local Helix Geometry in Three B-DNA Decamers and Eight Dodecamers' J.Mol.Biol.  217 201  214  1991 JMOBAK UK 
0022-2836 0070 ? ?       ?                   
# 
loop_
_citation_author.citation_id 
_citation_author.name 
_citation_author.ordinal 
_citation_author.identifier_ORCID 
primary 'Yuan, H.'        1  ? 
primary 'Quintana, J.'    2  ? 
primary 'Dickerson, R.E.' 3  ? 
1       'Grzeskowiak, K.' 4  ? 
1       'Yanagi, K.'      5  ? 
1       'Prive, G.G.'     6  ? 
1       'Dickerson, R.E.' 7  ? 
2       'Yanagi, K.'      8  ? 
2       'Prive, G.G.'     9  ? 
2       'Dickerson, R.E.' 10 ? 
# 
loop_
_entity.id 
_entity.type 
_entity.src_method 
_entity.pdbx_description 
_entity.formula_weight 
_entity.pdbx_number_of_molecules 
_entity.pdbx_ec 
_entity.pdbx_mutation 
_entity.pdbx_fragment 
_entity.details 
1 polymer     syn 
;DNA (5'-D(*CP*GP*AP*TP*AP*TP*AP*TP*CP*G)-3')
;
3044.017 2  ? ? ? ? 
2 non-polymer syn 'CALCIUM ION'                                  40.078   1  ? ? ? ? 
3 water       nat water                                          18.015   94 ? ? ? ? 
# 
_entity_poly.entity_id                      1 
_entity_poly.type                           polydeoxyribonucleotide 
_entity_poly.nstd_linkage                   no 
_entity_poly.nstd_monomer                   no 
_entity_poly.pdbx_seq_one_letter_code       '(DC)(DG)(DA)(DT)(DA)(DT)(DA)(DT)(DC)(DG)' 
_entity_poly.pdbx_seq_one_letter_code_can   CGATATATCG 
_entity_poly.pdbx_strand_id                 A,B 
_entity_poly.pdbx_target_identifier         ? 
# 
loop_
_pdbx_entity_nonpoly.entity_id 
_pdbx_entity_nonpoly.name 
_pdbx_entity_nonpoly.comp_id 
2 'CALCIUM ION' CA  
3 water         HOH 
# 
loop_
_entity_poly_seq.entity_id 
_entity_poly_seq.num 
_entity_poly_seq.mon_id 
_entity_poly_seq.hetero 
1 1  DC n 
1 2  DG n 
1 3  DA n 
1 4  DT n 
1 5  DA n 
1 6  DT n 
1 7  DA n 
1 8  DT n 
1 9  DC n 
1 10 DG n 
# 
loop_
_chem_comp.id 
_chem_comp.type 
_chem_comp.mon_nstd_flag 
_chem_comp.name 
_chem_comp.pdbx_synonyms 
_chem_comp.formula 
_chem_comp.formula_weight 
CA  non-polymer   . 'CALCIUM ION'                        ? 'Ca 2'            40.078  
DA  'DNA linking' y "2'-DEOXYADENOSINE-5'-MONOPHOSPHATE" ? 'C10 H14 N5 O6 P' 331.222 
DC  'DNA linking' y "2'-DEOXYCYTIDINE-5'-MONOPHOSPHATE"  ? 'C9 H14 N3 O7 P'  307.197 
DG  'DNA linking' y "2'-DEOXYGUANOSINE-5'-MONOPHOSPHATE" ? 'C10 H14 N5 O7 P' 347.221 
DT  'DNA linking' y "THYMIDINE-5'-MONOPHOSPHATE"         ? 'C10 H15 N2 O8 P' 322.208 
HOH non-polymer   . WATER                                ? 'H2 O'            18.015  
# 
loop_
_pdbx_poly_seq_scheme.asym_id 
_pdbx_poly_seq_scheme.entity_id 
_pdbx_poly_seq_scheme.seq_id 
_pdbx_poly_seq_scheme.mon_id 
_pdbx_poly_seq_scheme.ndb_seq_num 
_pdbx_poly_seq_scheme.pdb_seq_num 
_pdbx_poly_seq_scheme.auth_seq_num 
_pdbx_poly_seq_scheme.pdb_mon_id 
_pdbx_poly_seq_scheme.auth_mon_id 
_pdbx_poly_seq_scheme.pdb_strand_id 
_pdbx_poly_seq_scheme.pdb_ins_code 
_pdbx_poly_seq_scheme.hetero 
A 1 1  DC 1  1  1  DC C A . n 
A 1 2  DG 2  2  2  DG G A . n 
A 1 3  DA 3  3  3  DA A A . n 
A 1 4  DT 4  4  4  DT T A . n 
A 1 5  DA 5  5  5  DA A A . n 
A 1 6  DT 6  6  6  DT T A . n 
A 1 7  DA 7  7  7  DA A A . n 
A 1 8  DT 8  8  8  DT T A . n 
A 1 9  DC 9  9  9  DC C A . n 
A 1 10 DG 10 10 10 DG G A . n 
B 1 1  DC 1  11 11 DC C B . n 
B 1 2  DG 2  12 12 DG G B . n 
B 1 3  DA 3  13 13 DA A B . n 
B 1 4  DT 4  14 14 DT T B . n 
B 1 5  DA 5  15 15 DA A B . n 
B 1 6  DT 6  16 16 DT T B . n 
B 1 7  DA 7  17 17 DA A B . n 
B 1 8  DT 8  18 18 DT T B . n 
B 1 9  DC 9  19 19 DC C B . n 
B 1 10 DG 10 20 20 DG G B . n 
# 
loop_
_pdbx_nonpoly_scheme.asym_id 
_pdbx_nonpoly_scheme.entity_id 
_pdbx_nonpoly_scheme.mon_id 
_pdbx_nonpoly_scheme.ndb_seq_num 
_pdbx_nonpoly_scheme.pdb_seq_num 
_pdbx_nonpoly_scheme.auth_seq_num 
_pdbx_nonpoly_scheme.pdb_mon_id 
_pdbx_nonpoly_scheme.auth_mon_id 
_pdbx_nonpoly_scheme.pdb_strand_id 
_pdbx_nonpoly_scheme.pdb_ins_code 
C 2 CA  1  21  21  CA  OC7 A . 
D 3 HOH 1  22  22  HOH HOH A . 
D 3 HOH 2  23  23  HOH HOH A . 
D 3 HOH 3  25  25  HOH HOH A . 
D 3 HOH 4  26  26  HOH HOH A . 
D 3 HOH 5  27  27  HOH HOH A . 
D 3 HOH 6  28  28  HOH HOH A . 
D 3 HOH 7  30  30  HOH HOH A . 
D 3 HOH 8  33  33  HOH HOH A . 
D 3 HOH 9  35  35  HOH HOH A . 
D 3 HOH 10 37  37  HOH HOH A . 
D 3 HOH 11 38  38  HOH HOH A . 
D 3 HOH 12 40  40  HOH HOH A . 
D 3 HOH 13 41  41  HOH HOH A . 
D 3 HOH 14 44  44  HOH HOH A . 
D 3 HOH 15 46  46  HOH HOH A . 
D 3 HOH 16 47  47  HOH HOH A . 
D 3 HOH 17 51  51  HOH HOH A . 
D 3 HOH 18 52  52  HOH HOH A . 
D 3 HOH 19 53  53  HOH HOH A . 
D 3 HOH 20 55  55  HOH HOH A . 
D 3 HOH 21 57  57  HOH HOH A . 
D 3 HOH 22 59  59  HOH HOH A . 
D 3 HOH 23 60  60  HOH HOH A . 
D 3 HOH 24 62  62  HOH HOH A . 
D 3 HOH 25 65  65  HOH HOH A . 
D 3 HOH 26 68  68  HOH HOH A . 
D 3 HOH 27 69  69  HOH HOH A . 
D 3 HOH 28 70  70  HOH HOH A . 
D 3 HOH 29 72  72  HOH HOH A . 
D 3 HOH 30 73  73  HOH HOH A . 
D 3 HOH 31 74  74  HOH HOH A . 
D 3 HOH 32 75  75  HOH HOH A . 
D 3 HOH 33 76  76  HOH HOH A . 
D 3 HOH 34 77  77  HOH HOH A . 
D 3 HOH 35 78  78  HOH HOH A . 
D 3 HOH 36 80  80  HOH HOH A . 
D 3 HOH 37 82  82  HOH HOH A . 
D 3 HOH 38 83  83  HOH HOH A . 
D 3 HOH 39 84  84  HOH HOH A . 
D 3 HOH 40 89  89  HOH HOH A . 
D 3 HOH 41 92  92  HOH HOH A . 
D 3 HOH 42 93  93  HOH HOH A . 
D 3 HOH 43 94  94  HOH HOH A . 
D 3 HOH 44 96  96  HOH HOH A . 
D 3 HOH 45 98  98  HOH HOH A . 
D 3 HOH 46 99  99  HOH HOH A . 
D 3 HOH 47 101 101 HOH HOH A . 
D 3 HOH 48 103 103 HOH HOH A . 
D 3 HOH 49 109 21  HOH OC7 A . 
D 3 HOH 50 110 21  HOH OC7 A . 
D 3 HOH 51 111 21  HOH OC7 A . 
D 3 HOH 52 112 21  HOH OC7 A . 
D 3 HOH 53 113 21  HOH OC7 A . 
D 3 HOH 54 115 21  HOH OC7 A . 
E 3 HOH 1  24  24  HOH HOH B . 
E 3 HOH 2  29  29  HOH HOH B . 
E 3 HOH 3  31  31  HOH HOH B . 
E 3 HOH 4  32  32  HOH HOH B . 
E 3 HOH 5  34  34  HOH HOH B . 
E 3 HOH 6  36  36  HOH HOH B . 
E 3 HOH 7  39  39  HOH HOH B . 
E 3 HOH 8  42  42  HOH HOH B . 
E 3 HOH 9  43  43  HOH HOH B . 
E 3 HOH 10 45  45  HOH HOH B . 
E 3 HOH 11 48  48  HOH HOH B . 
E 3 HOH 12 49  49  HOH HOH B . 
E 3 HOH 13 50  50  HOH HOH B . 
E 3 HOH 14 54  54  HOH HOH B . 
E 3 HOH 15 56  56  HOH HOH B . 
E 3 HOH 16 58  58  HOH HOH B . 
E 3 HOH 17 61  61  HOH HOH B . 
E 3 HOH 18 63  63  HOH HOH B . 
E 3 HOH 19 64  64  HOH HOH B . 
E 3 HOH 20 66  66  HOH HOH B . 
E 3 HOH 21 67  67  HOH HOH B . 
E 3 HOH 22 71  71  HOH HOH B . 
E 3 HOH 23 79  79  HOH HOH B . 
E 3 HOH 24 81  81  HOH HOH B . 
E 3 HOH 25 85  85  HOH HOH B . 
E 3 HOH 26 86  86  HOH HOH B . 
E 3 HOH 27 87  87  HOH HOH B . 
E 3 HOH 28 88  88  HOH HOH B . 
E 3 HOH 29 90  90  HOH HOH B . 
E 3 HOH 30 91  91  HOH HOH B . 
E 3 HOH 31 95  95  HOH HOH B . 
E 3 HOH 32 97  97  HOH HOH B . 
E 3 HOH 33 100 100 HOH HOH B . 
E 3 HOH 34 102 102 HOH HOH B . 
E 3 HOH 35 104 104 HOH HOH B . 
E 3 HOH 36 105 105 HOH HOH B . 
E 3 HOH 37 106 106 HOH HOH B . 
E 3 HOH 38 107 107 HOH HOH B . 
E 3 HOH 39 108 108 HOH HOH B . 
E 3 HOH 40 114 21  HOH OC7 B . 
# 
_software.name             NUCLSQ 
_software.classification   refinement 
_software.version          . 
_software.citation_id      ? 
_software.pdbx_ordinal     1 
# 
_cell.entry_id           1D56 
_cell.length_a           38.760 
_cell.length_b           40.060 
_cell.length_c           33.730 
_cell.angle_alpha        90.00 
_cell.angle_beta         90.00 
_cell.angle_gamma        90.00 
_cell.Z_PDB              8 
_cell.pdbx_unique_axis   ? 
# 
_symmetry.entry_id                         1D56 
_symmetry.space_group_name_H-M             'P 21 21 21' 
_symmetry.pdbx_full_space_group_name_H-M   ? 
_symmetry.cell_setting                     ? 
_symmetry.Int_Tables_number                19 
# 
_exptl.entry_id          1D56 
_exptl.method            'X-RAY DIFFRACTION' 
_exptl.crystals_number   ? 
# 
_exptl_crystal.id                    1 
_exptl_crystal.density_meas          ? 
_exptl_crystal.density_Matthews      2.15 
_exptl_crystal.density_percent_sol   42.81 
_exptl_crystal.description           ? 
# 
_exptl_crystal_grow.crystal_id      1 
_exptl_crystal_grow.method          'VAPOR DIFFUSION, SITTING DROP' 
_exptl_crystal_grow.temp            277.00 
_exptl_crystal_grow.temp_details    ? 
_exptl_crystal_grow.pH              6.90 
_exptl_crystal_grow.pdbx_details    'pH 6.90, VAPOR DIFFUSION, SITTING DROP, temperature 277.00K' 
_exptl_crystal_grow.pdbx_pH_range   ? 
# 
loop_
_exptl_crystal_grow_comp.crystal_id 
_exptl_crystal_grow_comp.id 
_exptl_crystal_grow_comp.sol_id 
_exptl_crystal_grow_comp.name 
_exptl_crystal_grow_comp.volume 
_exptl_crystal_grow_comp.conc 
_exptl_crystal_grow_comp.details 
1 1 1 WATER        ? ? ? 
1 2 1 MPD          ? ? ? 
1 3 1 'CA ACETATE' ? ? ? 
1 4 1 SPERMINE_HCL ? ? ? 
1 5 2 WATER        ? ? ? 
1 6 2 MPD          ? ? ? 
# 
_diffrn.id                     1 
_diffrn.ambient_temp           273.00 
_diffrn.ambient_temp_details   ? 
_diffrn.crystal_id             1 
# 
_diffrn_detector.diffrn_id              1 
_diffrn_detector.detector               DIFFRACTOMETER 
_diffrn_detector.type                   'RIGAKU AFC-5R' 
_diffrn_detector.pdbx_collection_date   ? 
_diffrn_detector.details                ? 
# 
_diffrn_radiation.diffrn_id                        1 
_diffrn_radiation.wavelength_id                    1 
_diffrn_radiation.pdbx_monochromatic_or_laue_m_l   ? 
_diffrn_radiation.monochromator                    ? 
_diffrn_radiation.pdbx_diffrn_protocol             ? 
_diffrn_radiation.pdbx_scattering_type             x-ray 
# 
_diffrn_radiation_wavelength.id           1 
_diffrn_radiation_wavelength.wavelength   . 
_diffrn_radiation_wavelength.wt           1.0 
# 
_diffrn_source.diffrn_id                   1 
_diffrn_source.source                      'ROTATING ANODE' 
_diffrn_source.type                        ? 
_diffrn_source.pdbx_synchrotron_site       ? 
_diffrn_source.pdbx_synchrotron_beamline   ? 
_diffrn_source.pdbx_wavelength             ? 
_diffrn_source.pdbx_wavelength_list        ? 
# 
_reflns.entry_id                     1D56 
_reflns.observed_criterion_sigma_I   2.000 
_reflns.observed_criterion_sigma_F   ? 
_reflns.d_resolution_low             8.000 
_reflns.d_resolution_high            1.700 
_reflns.number_obs                   3683 
_reflns.number_all                   6166 
_reflns.percent_possible_obs         ? 
_reflns.pdbx_Rmerge_I_obs            ? 
_reflns.pdbx_Rsym_value              ? 
_reflns.pdbx_netI_over_sigmaI        ? 
_reflns.B_iso_Wilson_estimate        ? 
_reflns.pdbx_redundancy              ? 
_reflns.pdbx_diffrn_id               1 
_reflns.pdbx_ordinal                 1 
# 
_refine.entry_id                                 1D56 
_refine.ls_number_reflns_obs                     3683 
_refine.ls_number_reflns_all                     ? 
_refine.pdbx_ls_sigma_I                          ? 
_refine.pdbx_ls_sigma_F                          2.000 
_refine.pdbx_data_cutoff_high_absF               ? 
_refine.pdbx_data_cutoff_low_absF                ? 
_refine.pdbx_data_cutoff_high_rms_absF           ? 
_refine.ls_d_res_low                             8.000 
_refine.ls_d_res_high                            1.700 
_refine.ls_percent_reflns_obs                    ? 
_refine.ls_R_factor_obs                          0.1780000 
_refine.ls_R_factor_all                          ? 
_refine.ls_R_factor_R_work                       ? 
_refine.ls_R_factor_R_free                       ? 
_refine.ls_R_factor_R_free_error                 ? 
_refine.ls_R_factor_R_free_error_details         ? 
_refine.ls_percent_reflns_R_free                 ? 
_refine.ls_number_reflns_R_free                  ? 
_refine.ls_number_parameters                     ? 
_refine.ls_number_restraints                     ? 
_refine.occupancy_min                            ? 
_refine.occupancy_max                            ? 
_refine.B_iso_mean                               ? 
_refine.aniso_B[1][1]                            ? 
_refine.aniso_B[2][2]                            ? 
_refine.aniso_B[3][3]                            ? 
_refine.aniso_B[1][2]                            ? 
_refine.aniso_B[1][3]                            ? 
_refine.aniso_B[2][3]                            ? 
_refine.solvent_model_details                    ? 
_refine.solvent_model_param_ksol                 ? 
_refine.solvent_model_param_bsol                 ? 
_refine.pdbx_ls_cross_valid_method               ? 
_refine.details                                  ? 
_refine.pdbx_starting_model                      ? 
_refine.pdbx_method_to_determine_struct          ? 
_refine.pdbx_isotropic_thermal_model             ? 
_refine.pdbx_stereochemistry_target_values       ? 
_refine.pdbx_stereochem_target_val_spec_case     ? 
_refine.pdbx_R_Free_selection_details            ? 
_refine.pdbx_overall_ESU_R                       ? 
_refine.pdbx_overall_ESU_R_Free                  ? 
_refine.overall_SU_ML                            ? 
_refine.overall_SU_B                             ? 
_refine.pdbx_refine_id                           'X-RAY DIFFRACTION' 
_refine.pdbx_diffrn_id                           1 
_refine.pdbx_TLS_residual_ADP_flag               ? 
_refine.correlation_coeff_Fo_to_Fc               ? 
_refine.correlation_coeff_Fo_to_Fc_free          ? 
_refine.pdbx_solvent_vdw_probe_radii             ? 
_refine.pdbx_solvent_ion_probe_radii             ? 
_refine.pdbx_solvent_shrinkage_radii             ? 
_refine.pdbx_overall_phase_error                 ? 
_refine.overall_SU_R_Cruickshank_DPI             ? 
_refine.pdbx_overall_SU_R_free_Cruickshank_DPI   ? 
_refine.pdbx_overall_SU_R_Blow_DPI               ? 
_refine.pdbx_overall_SU_R_free_Blow_DPI          ? 
# 
_refine_hist.pdbx_refine_id                   'X-RAY DIFFRACTION' 
_refine_hist.cycle_id                         LAST 
_refine_hist.pdbx_number_atoms_protein        0 
_refine_hist.pdbx_number_atoms_nucleic_acid   404 
_refine_hist.pdbx_number_atoms_ligand         8 
_refine_hist.number_atoms_solvent             87 
_refine_hist.number_atoms_total               499 
_refine_hist.d_res_high                       1.700 
_refine_hist.d_res_low                        8.000 
# 
_struct.entry_id                  1D56 
_struct.title                     
'ALTERNATIVE STRUCTURES FOR ALTERNATING POLY(DA-DT) TRACTS: THE STRUCTURE OF THE B-DNA DECAMER C-G-A-T-A-T-A-T-C-G' 
_struct.pdbx_model_details        ? 
_struct.pdbx_CASP_flag            ? 
_struct.pdbx_model_type_details   ? 
# 
_struct_keywords.entry_id        1D56 
_struct_keywords.pdbx_keywords   DNA 
_struct_keywords.text            'B-DNA, DOUBLE HELIX, DNA' 
# 
loop_
_struct_asym.id 
_struct_asym.pdbx_blank_PDB_chainid_flag 
_struct_asym.pdbx_modified 
_struct_asym.entity_id 
_struct_asym.details 
A N N 1 ? 
B N N 1 ? 
C N N 2 ? 
D N N 3 ? 
E N N 3 ? 
# 
_struct_ref.id                         1 
_struct_ref.entity_id                  1 
_struct_ref.db_name                    PDB 
_struct_ref.db_code                    1D56 
_struct_ref.pdbx_db_accession          1D56 
_struct_ref.pdbx_db_isoform            ? 
_struct_ref.pdbx_seq_one_letter_code   ? 
_struct_ref.pdbx_align_begin           ? 
# 
loop_
_struct_ref_seq.align_id 
_struct_ref_seq.ref_id 
_struct_ref_seq.pdbx_PDB_id_code 
_struct_ref_seq.pdbx_strand_id 
_struct_ref_seq.seq_align_beg 
_struct_ref_seq.pdbx_seq_align_beg_ins_code 
_struct_ref_seq.seq_align_end 
_struct_ref_seq.pdbx_seq_align_end_ins_code 
_struct_ref_seq.pdbx_db_accession 
_struct_ref_seq.db_align_beg 
_struct_ref_seq.pdbx_db_align_beg_ins_code 
_struct_ref_seq.db_align_end 
_struct_ref_seq.pdbx_db_align_end_ins_code 
_struct_ref_seq.pdbx_auth_seq_align_beg 
_struct_ref_seq.pdbx_auth_seq_align_end 
1 1 1D56 A 1 ? 10 ? 1D56 1  ? 10 ? 1  10 
2 1 1D56 B 1 ? 10 ? 1D56 11 ? 20 ? 11 20 
# 
_pdbx_struct_assembly.id                   1 
_pdbx_struct_assembly.details              author_defined_assembly 
_pdbx_struct_assembly.method_details       ? 
_pdbx_struct_assembly.oligomeric_details   dimeric 
_pdbx_struct_assembly.oligomeric_count     2 
# 
_pdbx_struct_assembly_gen.assembly_id       1 
_pdbx_struct_assembly_gen.oper_expression   1 
_pdbx_struct_assembly_gen.asym_id_list      A,B,C,D,E 
# 
_pdbx_struct_oper_list.id                   1 
_pdbx_struct_oper_list.type                 'identity operation' 
_pdbx_struct_oper_list.name                 1_555 
_pdbx_struct_oper_list.symmetry_operation   x,y,z 
_pdbx_struct_oper_list.matrix[1][1]         1.0000000000 
_pdbx_struct_oper_list.matrix[1][2]         0.0000000000 
_pdbx_struct_oper_list.matrix[1][3]         0.0000000000 
_pdbx_struct_oper_list.vector[1]            0.0000000000 
_pdbx_struct_oper_list.matrix[2][1]         0.0000000000 
_pdbx_struct_oper_list.matrix[2][2]         1.0000000000 
_pdbx_struct_oper_list.matrix[2][3]         0.0000000000 
_pdbx_struct_oper_list.vector[2]            0.0000000000 
_pdbx_struct_oper_list.matrix[3][1]         0.0000000000 
_pdbx_struct_oper_list.matrix[3][2]         0.0000000000 
_pdbx_struct_oper_list.matrix[3][3]         1.0000000000 
_pdbx_struct_oper_list.vector[3]            0.0000000000 
# 
_struct_biol.id   1 
# 
loop_
_struct_conn.id 
_struct_conn.conn_type_id 
_struct_conn.pdbx_leaving_atom_flag 
_struct_conn.pdbx_PDB_id 
_struct_conn.ptnr1_label_asym_id 
_struct_conn.ptnr1_label_comp_id 
_struct_conn.ptnr1_label_seq_id 
_struct_conn.ptnr1_label_atom_id 
_struct_conn.pdbx_ptnr1_label_alt_id 
_struct_conn.pdbx_ptnr1_PDB_ins_code 
_struct_conn.pdbx_ptnr1_standard_comp_id 
_struct_conn.ptnr1_symmetry 
_struct_conn.ptnr2_label_asym_id 
_struct_conn.ptnr2_label_comp_id 
_struct_conn.ptnr2_label_seq_id 
_struct_conn.ptnr2_label_atom_id 
_struct_conn.pdbx_ptnr2_label_alt_id 
_struct_conn.pdbx_ptnr2_PDB_ins_code 
_struct_conn.ptnr1_auth_asym_id 
_struct_conn.ptnr1_auth_comp_id 
_struct_conn.ptnr1_auth_seq_id 
_struct_conn.ptnr2_auth_asym_id 
_struct_conn.ptnr2_auth_comp_id 
_struct_conn.ptnr2_auth_seq_id 
_struct_conn.ptnr2_symmetry 
_struct_conn.pdbx_ptnr3_label_atom_id 
_struct_conn.pdbx_ptnr3_label_seq_id 
_struct_conn.pdbx_ptnr3_label_comp_id 
_struct_conn.pdbx_ptnr3_label_asym_id 
_struct_conn.pdbx_ptnr3_label_alt_id 
_struct_conn.pdbx_ptnr3_PDB_ins_code 
_struct_conn.details 
_struct_conn.pdbx_dist_value 
_struct_conn.pdbx_value_order 
_struct_conn.pdbx_role 
metalc1  metalc ? ? C CA .  CA ? ? ? 1_555 D HOH .  O  ? ? A CA 21 A HOH 109 1_555 ? ? ? ? ? ? ?            2.411 ? ? 
metalc2  metalc ? ? C CA .  CA ? ? ? 1_555 D HOH .  O  ? ? A CA 21 A HOH 110 1_555 ? ? ? ? ? ? ?            2.366 ? ? 
metalc3  metalc ? ? C CA .  CA ? ? ? 1_555 D HOH .  O  ? ? A CA 21 A HOH 111 1_555 ? ? ? ? ? ? ?            2.393 ? ? 
metalc4  metalc ? ? C CA .  CA ? ? ? 1_555 D HOH .  O  ? ? A CA 21 A HOH 112 1_555 ? ? ? ? ? ? ?            2.448 ? ? 
metalc5  metalc ? ? C CA .  CA ? ? ? 1_555 D HOH .  O  ? ? A CA 21 A HOH 113 1_555 ? ? ? ? ? ? ?            2.440 ? ? 
metalc6  metalc ? ? C CA .  CA ? ? ? 1_555 D HOH .  O  ? ? A CA 21 A HOH 115 1_555 ? ? ? ? ? ? ?            2.374 ? ? 
metalc7  metalc ? ? C CA .  CA ? ? ? 1_555 E HOH .  O  ? ? A CA 21 B HOH 114 1_555 ? ? ? ? ? ? ?            2.399 ? ? 
hydrog1  hydrog ? ? A DC 1  N3 ? ? ? 1_555 B DG  10 N1 ? ? A DC 1  B DG  20  1_555 ? ? ? ? ? ? WATSON-CRICK ?     ? ? 
hydrog2  hydrog ? ? A DC 1  N4 ? ? ? 1_555 B DG  10 O6 ? ? A DC 1  B DG  20  1_555 ? ? ? ? ? ? WATSON-CRICK ?     ? ? 
hydrog3  hydrog ? ? A DC 1  O2 ? ? ? 1_555 B DG  10 N2 ? ? A DC 1  B DG  20  1_555 ? ? ? ? ? ? WATSON-CRICK ?     ? ? 
hydrog4  hydrog ? ? A DG 2  N1 ? ? ? 1_555 B DC  9  N3 ? ? A DG 2  B DC  19  1_555 ? ? ? ? ? ? WATSON-CRICK ?     ? ? 
hydrog5  hydrog ? ? A DG 2  N2 ? ? ? 1_555 B DC  9  O2 ? ? A DG 2  B DC  19  1_555 ? ? ? ? ? ? WATSON-CRICK ?     ? ? 
hydrog6  hydrog ? ? A DG 2  O6 ? ? ? 1_555 B DC  9  N4 ? ? A DG 2  B DC  19  1_555 ? ? ? ? ? ? WATSON-CRICK ?     ? ? 
hydrog7  hydrog ? ? A DA 3  N1 ? ? ? 1_555 B DT  8  N3 ? ? A DA 3  B DT  18  1_555 ? ? ? ? ? ? WATSON-CRICK ?     ? ? 
hydrog8  hydrog ? ? A DA 3  N6 ? ? ? 1_555 B DT  8  O4 ? ? A DA 3  B DT  18  1_555 ? ? ? ? ? ? WATSON-CRICK ?     ? ? 
hydrog9  hydrog ? ? A DT 4  N3 ? ? ? 1_555 B DA  7  N1 ? ? A DT 4  B DA  17  1_555 ? ? ? ? ? ? WATSON-CRICK ?     ? ? 
hydrog10 hydrog ? ? A DT 4  O4 ? ? ? 1_555 B DA  7  N6 ? ? A DT 4  B DA  17  1_555 ? ? ? ? ? ? WATSON-CRICK ?     ? ? 
hydrog11 hydrog ? ? A DA 5  N1 ? ? ? 1_555 B DT  6  N3 ? ? A DA 5  B DT  16  1_555 ? ? ? ? ? ? WATSON-CRICK ?     ? ? 
hydrog12 hydrog ? ? A DA 5  N6 ? ? ? 1_555 B DT  6  O4 ? ? A DA 5  B DT  16  1_555 ? ? ? ? ? ? WATSON-CRICK ?     ? ? 
hydrog13 hydrog ? ? A DT 6  N3 ? ? ? 1_555 B DA  5  N1 ? ? A DT 6  B DA  15  1_555 ? ? ? ? ? ? WATSON-CRICK ?     ? ? 
hydrog14 hydrog ? ? A DT 6  O4 ? ? ? 1_555 B DA  5  N6 ? ? A DT 6  B DA  15  1_555 ? ? ? ? ? ? WATSON-CRICK ?     ? ? 
hydrog15 hydrog ? ? A DA 7  N1 ? ? ? 1_555 B DT  4  N3 ? ? A DA 7  B DT  14  1_555 ? ? ? ? ? ? WATSON-CRICK ?     ? ? 
hydrog16 hydrog ? ? A DA 7  N6 ? ? ? 1_555 B DT  4  O4 ? ? A DA 7  B DT  14  1_555 ? ? ? ? ? ? WATSON-CRICK ?     ? ? 
hydrog17 hydrog ? ? A DT 8  N3 ? ? ? 1_555 B DA  3  N1 ? ? A DT 8  B DA  13  1_555 ? ? ? ? ? ? WATSON-CRICK ?     ? ? 
hydrog18 hydrog ? ? A DT 8  O4 ? ? ? 1_555 B DA  3  N6 ? ? A DT 8  B DA  13  1_555 ? ? ? ? ? ? WATSON-CRICK ?     ? ? 
hydrog19 hydrog ? ? A DC 9  N3 ? ? ? 1_555 B DG  2  N1 ? ? A DC 9  B DG  12  1_555 ? ? ? ? ? ? WATSON-CRICK ?     ? ? 
hydrog20 hydrog ? ? A DC 9  N4 ? ? ? 1_555 B DG  2  O6 ? ? A DC 9  B DG  12  1_555 ? ? ? ? ? ? WATSON-CRICK ?     ? ? 
hydrog21 hydrog ? ? A DC 9  O2 ? ? ? 1_555 B DG  2  N2 ? ? A DC 9  B DG  12  1_555 ? ? ? ? ? ? WATSON-CRICK ?     ? ? 
hydrog22 hydrog ? ? A DG 10 N1 ? ? ? 1_555 B DC  1  N3 ? ? A DG 10 B DC  11  1_555 ? ? ? ? ? ? WATSON-CRICK ?     ? ? 
hydrog23 hydrog ? ? A DG 10 N2 ? ? ? 1_555 B DC  1  O2 ? ? A DG 10 B DC  11  1_555 ? ? ? ? ? ? WATSON-CRICK ?     ? ? 
hydrog24 hydrog ? ? A DG 10 O6 ? ? ? 1_555 B DC  1  N4 ? ? A DG 10 B DC  11  1_555 ? ? ? ? ? ? WATSON-CRICK ?     ? ? 
# 
loop_
_struct_conn_type.id 
_struct_conn_type.criteria 
_struct_conn_type.reference 
metalc ? ? 
hydrog ? ? 
# 
loop_
_pdbx_struct_conn_angle.id 
_pdbx_struct_conn_angle.ptnr1_label_atom_id 
_pdbx_struct_conn_angle.ptnr1_label_alt_id 
_pdbx_struct_conn_angle.ptnr1_label_asym_id 
_pdbx_struct_conn_angle.ptnr1_label_comp_id 
_pdbx_struct_conn_angle.ptnr1_label_seq_id 
_pdbx_struct_conn_angle.ptnr1_auth_atom_id 
_pdbx_struct_conn_angle.ptnr1_auth_asym_id 
_pdbx_struct_conn_angle.ptnr1_auth_comp_id 
_pdbx_struct_conn_angle.ptnr1_auth_seq_id 
_pdbx_struct_conn_angle.ptnr1_PDB_ins_code 
_pdbx_struct_conn_angle.ptnr1_symmetry 
_pdbx_struct_conn_angle.ptnr2_label_atom_id 
_pdbx_struct_conn_angle.ptnr2_label_alt_id 
_pdbx_struct_conn_angle.ptnr2_label_asym_id 
_pdbx_struct_conn_angle.ptnr2_label_comp_id 
_pdbx_struct_conn_angle.ptnr2_label_seq_id 
_pdbx_struct_conn_angle.ptnr2_auth_atom_id 
_pdbx_struct_conn_angle.ptnr2_auth_asym_id 
_pdbx_struct_conn_angle.ptnr2_auth_comp_id 
_pdbx_struct_conn_angle.ptnr2_auth_seq_id 
_pdbx_struct_conn_angle.ptnr2_PDB_ins_code 
_pdbx_struct_conn_angle.ptnr2_symmetry 
_pdbx_struct_conn_angle.ptnr3_label_atom_id 
_pdbx_struct_conn_angle.ptnr3_label_alt_id 
_pdbx_struct_conn_angle.ptnr3_label_asym_id 
_pdbx_struct_conn_angle.ptnr3_label_comp_id 
_pdbx_struct_conn_angle.ptnr3_label_seq_id 
_pdbx_struct_conn_angle.ptnr3_auth_atom_id 
_pdbx_struct_conn_angle.ptnr3_auth_asym_id 
_pdbx_struct_conn_angle.ptnr3_auth_comp_id 
_pdbx_struct_conn_angle.ptnr3_auth_seq_id 
_pdbx_struct_conn_angle.ptnr3_PDB_ins_code 
_pdbx_struct_conn_angle.ptnr3_symmetry 
_pdbx_struct_conn_angle.value 
_pdbx_struct_conn_angle.value_esd 
1  O ? D HOH . ? A HOH 109 ? 1_555 CA ? C CA . ? A CA 21 ? 1_555 O ? D HOH . ? A HOH 110 ? 1_555 92.1  ? 
2  O ? D HOH . ? A HOH 109 ? 1_555 CA ? C CA . ? A CA 21 ? 1_555 O ? D HOH . ? A HOH 111 ? 1_555 80.3  ? 
3  O ? D HOH . ? A HOH 110 ? 1_555 CA ? C CA . ? A CA 21 ? 1_555 O ? D HOH . ? A HOH 111 ? 1_555 74.0  ? 
4  O ? D HOH . ? A HOH 109 ? 1_555 CA ? C CA . ? A CA 21 ? 1_555 O ? D HOH . ? A HOH 112 ? 1_555 86.2  ? 
5  O ? D HOH . ? A HOH 110 ? 1_555 CA ? C CA . ? A CA 21 ? 1_555 O ? D HOH . ? A HOH 112 ? 1_555 172.0 ? 
6  O ? D HOH . ? A HOH 111 ? 1_555 CA ? C CA . ? A CA 21 ? 1_555 O ? D HOH . ? A HOH 112 ? 1_555 98.0  ? 
7  O ? D HOH . ? A HOH 109 ? 1_555 CA ? C CA . ? A CA 21 ? 1_555 O ? D HOH . ? A HOH 113 ? 1_555 65.4  ? 
8  O ? D HOH . ? A HOH 110 ? 1_555 CA ? C CA . ? A CA 21 ? 1_555 O ? D HOH . ? A HOH 113 ? 1_555 102.1 ? 
9  O ? D HOH . ? A HOH 111 ? 1_555 CA ? C CA . ? A CA 21 ? 1_555 O ? D HOH . ? A HOH 113 ? 1_555 145.5 ? 
10 O ? D HOH . ? A HOH 112 ? 1_555 CA ? C CA . ? A CA 21 ? 1_555 O ? D HOH . ? A HOH 113 ? 1_555 84.3  ? 
11 O ? D HOH . ? A HOH 109 ? 1_555 CA ? C CA . ? A CA 21 ? 1_555 O ? D HOH . ? A HOH 115 ? 1_555 132.5 ? 
12 O ? D HOH . ? A HOH 110 ? 1_555 CA ? C CA . ? A CA 21 ? 1_555 O ? D HOH . ? A HOH 115 ? 1_555 95.7  ? 
13 O ? D HOH . ? A HOH 111 ? 1_555 CA ? C CA . ? A CA 21 ? 1_555 O ? D HOH . ? A HOH 115 ? 1_555 146.6 ? 
14 O ? D HOH . ? A HOH 112 ? 1_555 CA ? C CA . ? A CA 21 ? 1_555 O ? D HOH . ? A HOH 115 ? 1_555 91.3  ? 
15 O ? D HOH . ? A HOH 113 ? 1_555 CA ? C CA . ? A CA 21 ? 1_555 O ? D HOH . ? A HOH 115 ? 1_555 67.1  ? 
16 O ? D HOH . ? A HOH 109 ? 1_555 CA ? C CA . ? A CA 21 ? 1_555 O ? E HOH . ? B HOH 114 ? 1_555 156.8 ? 
17 O ? D HOH . ? A HOH 110 ? 1_555 CA ? C CA . ? A CA 21 ? 1_555 O ? E HOH . ? B HOH 114 ? 1_555 84.9  ? 
18 O ? D HOH . ? A HOH 111 ? 1_555 CA ? C CA . ? A CA 21 ? 1_555 O ? E HOH . ? B HOH 114 ? 1_555 76.7  ? 
19 O ? D HOH . ? A HOH 112 ? 1_555 CA ? C CA . ? A CA 21 ? 1_555 O ? E HOH . ? B HOH 114 ? 1_555 93.6  ? 
20 O ? D HOH . ? A HOH 113 ? 1_555 CA ? C CA . ? A CA 21 ? 1_555 O ? E HOH . ? B HOH 114 ? 1_555 137.7 ? 
21 O ? D HOH . ? A HOH 115 ? 1_555 CA ? C CA . ? A CA 21 ? 1_555 O ? E HOH . ? B HOH 114 ? 1_555 70.6  ? 
# 
_struct_site.id                   AC1 
_struct_site.pdbx_evidence_code   Software 
_struct_site.pdbx_auth_asym_id    A 
_struct_site.pdbx_auth_comp_id    CA 
_struct_site.pdbx_auth_seq_id     21 
_struct_site.pdbx_auth_ins_code   ? 
_struct_site.pdbx_num_residues    7 
_struct_site.details              'BINDING SITE FOR RESIDUE CA A 21' 
# 
loop_
_struct_site_gen.id 
_struct_site_gen.site_id 
_struct_site_gen.pdbx_num_res 
_struct_site_gen.label_comp_id 
_struct_site_gen.label_asym_id 
_struct_site_gen.label_seq_id 
_struct_site_gen.pdbx_auth_ins_code 
_struct_site_gen.auth_comp_id 
_struct_site_gen.auth_asym_id 
_struct_site_gen.auth_seq_id 
_struct_site_gen.label_atom_id 
_struct_site_gen.label_alt_id 
_struct_site_gen.symmetry 
_struct_site_gen.details 
1 AC1 7 HOH D . ? HOH A 109 . ? 1_555 ? 
2 AC1 7 HOH D . ? HOH A 110 . ? 1_555 ? 
3 AC1 7 HOH D . ? HOH A 111 . ? 1_555 ? 
4 AC1 7 HOH D . ? HOH A 112 . ? 1_555 ? 
5 AC1 7 HOH D . ? HOH A 113 . ? 1_555 ? 
6 AC1 7 HOH D . ? HOH A 115 . ? 1_555 ? 
7 AC1 7 HOH E . ? HOH B 114 . ? 1_555 ? 
# 
_pdbx_validate_symm_contact.id                1 
_pdbx_validate_symm_contact.PDB_model_num     1 
_pdbx_validate_symm_contact.auth_atom_id_1    O 
_pdbx_validate_symm_contact.auth_asym_id_1    A 
_pdbx_validate_symm_contact.auth_comp_id_1    HOH 
_pdbx_validate_symm_contact.auth_seq_id_1     25 
_pdbx_validate_symm_contact.PDB_ins_code_1    ? 
_pdbx_validate_symm_contact.label_alt_id_1    ? 
_pdbx_validate_symm_contact.site_symmetry_1   1_555 
_pdbx_validate_symm_contact.auth_atom_id_2    O 
_pdbx_validate_symm_contact.auth_asym_id_2    B 
_pdbx_validate_symm_contact.auth_comp_id_2    HOH 
_pdbx_validate_symm_contact.auth_seq_id_2     90 
_pdbx_validate_symm_contact.PDB_ins_code_2    ? 
_pdbx_validate_symm_contact.label_alt_id_2    ? 
_pdbx_validate_symm_contact.site_symmetry_2   4_455 
_pdbx_validate_symm_contact.dist              1.52 
# 
loop_
_pdbx_validate_rmsd_bond.id 
_pdbx_validate_rmsd_bond.PDB_model_num 
_pdbx_validate_rmsd_bond.auth_atom_id_1 
_pdbx_validate_rmsd_bond.auth_asym_id_1 
_pdbx_validate_rmsd_bond.auth_comp_id_1 
_pdbx_validate_rmsd_bond.auth_seq_id_1 
_pdbx_validate_rmsd_bond.PDB_ins_code_1 
_pdbx_validate_rmsd_bond.label_alt_id_1 
_pdbx_validate_rmsd_bond.auth_atom_id_2 
_pdbx_validate_rmsd_bond.auth_asym_id_2 
_pdbx_validate_rmsd_bond.auth_comp_id_2 
_pdbx_validate_rmsd_bond.auth_seq_id_2 
_pdbx_validate_rmsd_bond.PDB_ins_code_2 
_pdbx_validate_rmsd_bond.label_alt_id_2 
_pdbx_validate_rmsd_bond.bond_value 
_pdbx_validate_rmsd_bond.bond_target_value 
_pdbx_validate_rmsd_bond.bond_deviation 
_pdbx_validate_rmsd_bond.bond_standard_deviation 
_pdbx_validate_rmsd_bond.linker_flag 
1  1 "O4'" A DT 4  ? ? "C1'" A DT 4  ? ? 1.491 1.420 0.071  0.011 N 
2  1 "O4'" A DT 4  ? ? "C4'" A DT 4  ? ? 1.383 1.446 -0.063 0.010 N 
3  1 "O4'" A DA 5  ? ? "C1'" A DA 5  ? ? 1.490 1.420 0.070  0.011 N 
4  1 C4    A DT 6  ? ? O4    A DT 6  ? ? 1.282 1.228 0.054  0.009 N 
5  1 "C5'" A DC 9  ? ? "C4'" A DC 9  ? ? 1.563 1.512 0.051  0.007 N 
6  1 "C2'" A DC 9  ? ? "C1'" A DC 9  ? ? 1.453 1.518 -0.065 0.010 N 
7  1 "O4'" A DC 9  ? ? "C1'" A DC 9  ? ? 1.511 1.420 0.091  0.011 N 
8  1 "O4'" A DC 9  ? ? "C4'" A DC 9  ? ? 1.355 1.446 -0.091 0.010 N 
9  1 "C2'" B DA 13 ? ? "C1'" B DA 13 ? ? 1.455 1.518 -0.063 0.010 N 
10 1 "O4'" B DA 13 ? ? "C1'" B DA 13 ? ? 1.490 1.420 0.070  0.011 N 
11 1 "O4'" B DT 14 ? ? "C1'" B DT 14 ? ? 1.511 1.420 0.091  0.011 N 
12 1 "O4'" B DT 14 ? ? "C4'" B DT 14 ? ? 1.376 1.446 -0.070 0.010 N 
13 1 C6    B DA 15 ? ? N6    B DA 15 ? ? 1.287 1.335 -0.048 0.008 N 
14 1 "C2'" B DA 17 ? ? "C1'" B DA 17 ? ? 1.439 1.518 -0.079 0.010 N 
15 1 "O4'" B DA 17 ? ? "C1'" B DA 17 ? ? 1.490 1.420 0.070  0.011 N 
16 1 N1    B DA 17 ? ? C2    B DA 17 ? ? 1.396 1.339 0.057  0.009 N 
# 
loop_
_pdbx_validate_rmsd_angle.id 
_pdbx_validate_rmsd_angle.PDB_model_num 
_pdbx_validate_rmsd_angle.auth_atom_id_1 
_pdbx_validate_rmsd_angle.auth_asym_id_1 
_pdbx_validate_rmsd_angle.auth_comp_id_1 
_pdbx_validate_rmsd_angle.auth_seq_id_1 
_pdbx_validate_rmsd_angle.PDB_ins_code_1 
_pdbx_validate_rmsd_angle.label_alt_id_1 
_pdbx_validate_rmsd_angle.auth_atom_id_2 
_pdbx_validate_rmsd_angle.auth_asym_id_2 
_pdbx_validate_rmsd_angle.auth_comp_id_2 
_pdbx_validate_rmsd_angle.auth_seq_id_2 
_pdbx_validate_rmsd_angle.PDB_ins_code_2 
_pdbx_validate_rmsd_angle.label_alt_id_2 
_pdbx_validate_rmsd_angle.auth_atom_id_3 
_pdbx_validate_rmsd_angle.auth_asym_id_3 
_pdbx_validate_rmsd_angle.auth_comp_id_3 
_pdbx_validate_rmsd_angle.auth_seq_id_3 
_pdbx_validate_rmsd_angle.PDB_ins_code_3 
_pdbx_validate_rmsd_angle.label_alt_id_3 
_pdbx_validate_rmsd_angle.angle_value 
_pdbx_validate_rmsd_angle.angle_target_value 
_pdbx_validate_rmsd_angle.angle_deviation 
_pdbx_validate_rmsd_angle.angle_standard_deviation 
_pdbx_validate_rmsd_angle.linker_flag 
1  1 "O5'" A DC 1  ? ? "C5'" A DC 1  ? ? "C4'" A DC 1  ? ? 104.60 109.40 -4.80  0.80 N 
2  1 "O4'" A DC 1  ? ? "C1'" A DC 1  ? ? N1    A DC 1  ? ? 112.09 108.30 3.79   0.30 N 
3  1 "O5'" A DG 2  ? ? "C5'" A DG 2  ? ? "C4'" A DG 2  ? ? 103.28 109.40 -6.12  0.80 N 
4  1 P     A DG 2  ? ? "O5'" A DG 2  ? ? "C5'" A DG 2  ? ? 109.02 120.90 -11.88 1.60 N 
5  1 C5    A DG 2  ? ? C6    A DG 2  ? ? N1    A DG 2  ? ? 114.71 111.50 3.21   0.50 N 
6  1 "C3'" A DG 2  ? ? "O3'" A DG 2  ? ? P     A DA 3  ? ? 133.01 119.70 13.31  1.20 Y 
7  1 C6    A DA 3  ? ? N1    A DA 3  ? ? C2    A DA 3  ? ? 122.60 118.60 4.00   0.60 N 
8  1 C5    A DA 3  ? ? C6    A DA 3  ? ? N1    A DA 3  ? ? 114.20 117.70 -3.50  0.50 N 
9  1 N1    A DA 3  ? ? C6    A DA 3  ? ? N6    A DA 3  ? ? 124.01 118.60 5.41   0.60 N 
10 1 "O5'" A DT 4  ? ? "C5'" A DT 4  ? ? "C4'" A DT 4  ? ? 102.43 109.40 -6.97  0.80 N 
11 1 N1    A DT 4  ? ? C2    A DT 4  ? ? N3    A DT 4  ? ? 118.43 114.60 3.83   0.60 N 
12 1 C2    A DT 4  ? ? N3    A DT 4  ? ? C4    A DT 4  ? ? 122.27 127.20 -4.93  0.60 N 
13 1 N3    A DT 4  ? ? C4    A DT 4  ? ? C5    A DT 4  ? ? 119.06 115.20 3.86   0.60 N 
14 1 "O5'" A DA 5  ? ? "C5'" A DA 5  ? ? "C4'" A DA 5  ? ? 104.22 109.40 -5.18  0.80 N 
15 1 N1    A DA 5  ? ? C2    A DA 5  ? ? N3    A DA 5  ? ? 126.13 129.30 -3.17  0.50 N 
16 1 "C3'" A DT 6  ? ? "C2'" A DT 6  ? ? "C1'" A DT 6  ? ? 96.56  102.40 -5.84  0.80 N 
17 1 "O4'" A DT 6  ? ? "C1'" A DT 6  ? ? N1    A DT 6  ? ? 111.54 108.30 3.24   0.30 N 
18 1 C2    A DT 6  ? ? N3    A DT 6  ? ? C4    A DT 6  ? ? 120.88 127.20 -6.32  0.60 N 
19 1 N3    A DT 6  ? ? C4    A DT 6  ? ? C5    A DT 6  ? ? 120.56 115.20 5.36   0.60 N 
20 1 N3    A DT 6  ? ? C4    A DT 6  ? ? O4    A DT 6  ? ? 115.02 119.90 -4.88  0.60 N 
21 1 C6    A DA 7  ? ? N1    A DA 7  ? ? C2    A DA 7  ? ? 122.47 118.60 3.87   0.60 N 
22 1 C5    A DA 7  ? ? C6    A DA 7  ? ? N1    A DA 7  ? ? 114.59 117.70 -3.11  0.50 N 
23 1 N1    A DA 7  ? ? C6    A DA 7  ? ? N6    A DA 7  ? ? 122.59 118.60 3.99   0.60 N 
24 1 "C3'" A DA 7  ? ? "O3'" A DA 7  ? ? P     A DT 8  ? ? 130.38 119.70 10.68  1.20 Y 
25 1 "O5'" A DT 8  ? ? "C5'" A DT 8  ? ? "C4'" A DT 8  ? ? 103.23 109.40 -6.17  0.80 N 
26 1 "C3'" A DT 8  ? ? "O3'" A DT 8  ? ? P     A DC 9  ? ? 131.64 119.70 11.94  1.20 Y 
27 1 "O5'" A DC 9  ? ? "C5'" A DC 9  ? ? "C4'" A DC 9  ? ? 103.26 109.40 -6.14  0.80 N 
28 1 C2    A DC 9  ? ? N3    A DC 9  ? ? C4    A DC 9  ? ? 123.10 119.90 3.20   0.50 N 
29 1 C6    A DG 10 ? ? N1    A DG 10 ? ? C2    A DG 10 ? ? 120.43 125.10 -4.67  0.60 N 
30 1 C5    A DG 10 ? ? C6    A DG 10 ? ? N1    A DG 10 ? ? 115.13 111.50 3.63   0.50 N 
31 1 "C3'" B DC 11 ? ? "C2'" B DC 11 ? ? "C1'" B DC 11 ? ? 96.40  102.40 -6.00  0.80 N 
32 1 "O5'" B DG 12 ? ? "C5'" B DG 12 ? ? "C4'" B DG 12 ? ? 102.35 109.40 -7.05  0.80 N 
33 1 "C3'" B DG 12 ? ? "O3'" B DG 12 ? ? P     B DA 13 ? ? 129.36 119.70 9.67   1.20 Y 
34 1 C6    B DA 13 ? ? N1    B DA 13 ? ? C2    B DA 13 ? ? 122.34 118.60 3.74   0.60 N 
35 1 N1    B DA 13 ? ? C2    B DA 13 ? ? N3    B DA 13 ? ? 125.98 129.30 -3.32  0.50 N 
36 1 "C3'" B DA 13 ? ? "O3'" B DA 13 ? ? P     B DT 14 ? ? 127.95 119.70 8.25   1.20 Y 
37 1 "O5'" B DT 14 ? ? "C5'" B DT 14 ? ? "C4'" B DT 14 ? ? 99.63  109.40 -9.77  0.80 N 
38 1 N1    B DT 14 ? ? C2    B DT 14 ? ? N3    B DT 14 ? ? 119.05 114.60 4.45   0.60 N 
39 1 C2    B DT 14 ? ? N3    B DT 14 ? ? C4    B DT 14 ? ? 121.86 127.20 -5.34  0.60 N 
40 1 N3    B DT 14 ? ? C4    B DT 14 ? ? C5    B DT 14 ? ? 119.13 115.20 3.93   0.60 N 
41 1 "O4'" B DA 15 ? ? "C1'" B DA 15 ? ? N9    B DA 15 ? ? 103.00 108.00 -5.00  0.70 N 
42 1 "O5'" B DT 16 ? ? "C5'" B DT 16 ? ? "C4'" B DT 16 ? ? 103.17 109.40 -6.23  0.80 N 
43 1 "C3'" B DT 16 ? ? "C2'" B DT 16 ? ? "C1'" B DT 16 ? ? 95.94  102.40 -6.46  0.80 N 
44 1 "O4'" B DT 16 ? ? "C1'" B DT 16 ? ? N1    B DT 16 ? ? 111.24 108.30 2.94   0.30 N 
45 1 C2    B DT 16 ? ? N3    B DT 16 ? ? C4    B DT 16 ? ? 121.44 127.20 -5.76  0.60 N 
46 1 N3    B DT 16 ? ? C4    B DT 16 ? ? C5    B DT 16 ? ? 119.84 115.20 4.64   0.60 N 
47 1 N3    B DT 16 ? ? C4    B DT 16 ? ? O4    B DT 16 ? ? 115.27 119.90 -4.63  0.60 N 
48 1 "O5'" B DA 17 ? ? P     B DA 17 ? ? OP1   B DA 17 ? ? 119.86 110.70 9.16   1.20 N 
49 1 "O4'" B DA 17 ? ? "C4'" B DA 17 ? ? "C3'" B DA 17 ? ? 101.72 104.50 -2.78  0.40 N 
50 1 "C1'" B DA 17 ? ? "O4'" B DA 17 ? ? "C4'" B DA 17 ? ? 102.57 110.10 -7.53  1.00 N 
51 1 N1    B DA 17 ? ? C2    B DA 17 ? ? N3    B DA 17 ? ? 125.98 129.30 -3.32  0.50 N 
52 1 N1    B DA 17 ? ? C6    B DA 17 ? ? N6    B DA 17 ? ? 122.93 118.60 4.33   0.60 N 
53 1 "C3'" B DA 17 ? ? "O3'" B DA 17 ? ? P     B DT 18 ? ? 128.92 119.70 9.22   1.20 Y 
54 1 OP1   B DT 18 ? ? P     B DT 18 ? ? OP2   B DT 18 ? ? 110.17 119.60 -9.43  1.50 N 
55 1 "O5'" B DT 18 ? ? "C5'" B DT 18 ? ? "C4'" B DT 18 ? ? 103.87 109.40 -5.53  0.80 N 
56 1 "C3'" B DT 18 ? ? "O3'" B DT 18 ? ? P     B DC 19 ? ? 135.98 119.70 16.28  1.20 Y 
57 1 N3    B DC 19 ? ? C4    B DC 19 ? ? C5    B DC 19 ? ? 119.08 121.90 -2.82  0.40 N 
58 1 "O4'" B DG 20 ? ? "C1'" B DG 20 ? ? N9    B DG 20 ? ? 110.68 108.30 2.38   0.30 N 
59 1 C6    B DG 20 ? ? N1    B DG 20 ? ? C2    B DG 20 ? ? 121.03 125.10 -4.07  0.60 N 
60 1 C5    B DG 20 ? ? C6    B DG 20 ? ? N1    B DG 20 ? ? 115.34 111.50 3.84   0.50 N 
# 
loop_
_refine_B_iso.class 
_refine_B_iso.details 
_refine_B_iso.treatment 
_refine_B_iso.pdbx_refine_id 
'ALL ATOMS'  TR isotropic 'X-RAY DIFFRACTION' 
'ALL WATERS' TR isotropic 'X-RAY DIFFRACTION' 
# 
loop_
_refine_occupancy.class 
_refine_occupancy.treatment 
_refine_occupancy.pdbx_refine_id 
'ALL ATOMS'  fix 'X-RAY DIFFRACTION' 
'ALL WATERS' fix 'X-RAY DIFFRACTION' 
# 
loop_
_chem_comp_atom.comp_id 
_chem_comp_atom.atom_id 
_chem_comp_atom.type_symbol 
_chem_comp_atom.pdbx_aromatic_flag 
_chem_comp_atom.pdbx_stereo_config 
_chem_comp_atom.pdbx_ordinal 
CA  CA     CA N N 1   
DA  OP3    O  N N 2   
DA  P      P  N N 3   
DA  OP1    O  N N 4   
DA  OP2    O  N N 5   
DA  "O5'"  O  N N 6   
DA  "C5'"  C  N N 7   
DA  "C4'"  C  N R 8   
DA  "O4'"  O  N N 9   
DA  "C3'"  C  N S 10  
DA  "O3'"  O  N N 11  
DA  "C2'"  C  N N 12  
DA  "C1'"  C  N R 13  
DA  N9     N  Y N 14  
DA  C8     C  Y N 15  
DA  N7     N  Y N 16  
DA  C5     C  Y N 17  
DA  C6     C  Y N 18  
DA  N6     N  N N 19  
DA  N1     N  Y N 20  
DA  C2     C  Y N 21  
DA  N3     N  Y N 22  
DA  C4     C  Y N 23  
DA  HOP3   H  N N 24  
DA  HOP2   H  N N 25  
DA  "H5'"  H  N N 26  
DA  "H5''" H  N N 27  
DA  "H4'"  H  N N 28  
DA  "H3'"  H  N N 29  
DA  "HO3'" H  N N 30  
DA  "H2'"  H  N N 31  
DA  "H2''" H  N N 32  
DA  "H1'"  H  N N 33  
DA  H8     H  N N 34  
DA  H61    H  N N 35  
DA  H62    H  N N 36  
DA  H2     H  N N 37  
DC  OP3    O  N N 38  
DC  P      P  N N 39  
DC  OP1    O  N N 40  
DC  OP2    O  N N 41  
DC  "O5'"  O  N N 42  
DC  "C5'"  C  N N 43  
DC  "C4'"  C  N R 44  
DC  "O4'"  O  N N 45  
DC  "C3'"  C  N S 46  
DC  "O3'"  O  N N 47  
DC  "C2'"  C  N N 48  
DC  "C1'"  C  N R 49  
DC  N1     N  N N 50  
DC  C2     C  N N 51  
DC  O2     O  N N 52  
DC  N3     N  N N 53  
DC  C4     C  N N 54  
DC  N4     N  N N 55  
DC  C5     C  N N 56  
DC  C6     C  N N 57  
DC  HOP3   H  N N 58  
DC  HOP2   H  N N 59  
DC  "H5'"  H  N N 60  
DC  "H5''" H  N N 61  
DC  "H4'"  H  N N 62  
DC  "H3'"  H  N N 63  
DC  "HO3'" H  N N 64  
DC  "H2'"  H  N N 65  
DC  "H2''" H  N N 66  
DC  "H1'"  H  N N 67  
DC  H41    H  N N 68  
DC  H42    H  N N 69  
DC  H5     H  N N 70  
DC  H6     H  N N 71  
DG  OP3    O  N N 72  
DG  P      P  N N 73  
DG  OP1    O  N N 74  
DG  OP2    O  N N 75  
DG  "O5'"  O  N N 76  
DG  "C5'"  C  N N 77  
DG  "C4'"  C  N R 78  
DG  "O4'"  O  N N 79  
DG  "C3'"  C  N S 80  
DG  "O3'"  O  N N 81  
DG  "C2'"  C  N N 82  
DG  "C1'"  C  N R 83  
DG  N9     N  Y N 84  
DG  C8     C  Y N 85  
DG  N7     N  Y N 86  
DG  C5     C  Y N 87  
DG  C6     C  N N 88  
DG  O6     O  N N 89  
DG  N1     N  N N 90  
DG  C2     C  N N 91  
DG  N2     N  N N 92  
DG  N3     N  N N 93  
DG  C4     C  Y N 94  
DG  HOP3   H  N N 95  
DG  HOP2   H  N N 96  
DG  "H5'"  H  N N 97  
DG  "H5''" H  N N 98  
DG  "H4'"  H  N N 99  
DG  "H3'"  H  N N 100 
DG  "HO3'" H  N N 101 
DG  "H2'"  H  N N 102 
DG  "H2''" H  N N 103 
DG  "H1'"  H  N N 104 
DG  H8     H  N N 105 
DG  H1     H  N N 106 
DG  H21    H  N N 107 
DG  H22    H  N N 108 
DT  OP3    O  N N 109 
DT  P      P  N N 110 
DT  OP1    O  N N 111 
DT  OP2    O  N N 112 
DT  "O5'"  O  N N 113 
DT  "C5'"  C  N N 114 
DT  "C4'"  C  N R 115 
DT  "O4'"  O  N N 116 
DT  "C3'"  C  N S 117 
DT  "O3'"  O  N N 118 
DT  "C2'"  C  N N 119 
DT  "C1'"  C  N R 120 
DT  N1     N  N N 121 
DT  C2     C  N N 122 
DT  O2     O  N N 123 
DT  N3     N  N N 124 
DT  C4     C  N N 125 
DT  O4     O  N N 126 
DT  C5     C  N N 127 
DT  C7     C  N N 128 
DT  C6     C  N N 129 
DT  HOP3   H  N N 130 
DT  HOP2   H  N N 131 
DT  "H5'"  H  N N 132 
DT  "H5''" H  N N 133 
DT  "H4'"  H  N N 134 
DT  "H3'"  H  N N 135 
DT  "HO3'" H  N N 136 
DT  "H2'"  H  N N 137 
DT  "H2''" H  N N 138 
DT  "H1'"  H  N N 139 
DT  H3     H  N N 140 
DT  H71    H  N N 141 
DT  H72    H  N N 142 
DT  H73    H  N N 143 
DT  H6     H  N N 144 
HOH O      O  N N 145 
HOH H1     H  N N 146 
HOH H2     H  N N 147 
# 
loop_
_chem_comp_bond.comp_id 
_chem_comp_bond.atom_id_1 
_chem_comp_bond.atom_id_2 
_chem_comp_bond.value_order 
_chem_comp_bond.pdbx_aromatic_flag 
_chem_comp_bond.pdbx_stereo_config 
_chem_comp_bond.pdbx_ordinal 
DA  OP3   P      sing N N 1   
DA  OP3   HOP3   sing N N 2   
DA  P     OP1    doub N N 3   
DA  P     OP2    sing N N 4   
DA  P     "O5'"  sing N N 5   
DA  OP2   HOP2   sing N N 6   
DA  "O5'" "C5'"  sing N N 7   
DA  "C5'" "C4'"  sing N N 8   
DA  "C5'" "H5'"  sing N N 9   
DA  "C5'" "H5''" sing N N 10  
DA  "C4'" "O4'"  sing N N 11  
DA  "C4'" "C3'"  sing N N 12  
DA  "C4'" "H4'"  sing N N 13  
DA  "O4'" "C1'"  sing N N 14  
DA  "C3'" "O3'"  sing N N 15  
DA  "C3'" "C2'"  sing N N 16  
DA  "C3'" "H3'"  sing N N 17  
DA  "O3'" "HO3'" sing N N 18  
DA  "C2'" "C1'"  sing N N 19  
DA  "C2'" "H2'"  sing N N 20  
DA  "C2'" "H2''" sing N N 21  
DA  "C1'" N9     sing N N 22  
DA  "C1'" "H1'"  sing N N 23  
DA  N9    C8     sing Y N 24  
DA  N9    C4     sing Y N 25  
DA  C8    N7     doub Y N 26  
DA  C8    H8     sing N N 27  
DA  N7    C5     sing Y N 28  
DA  C5    C6     sing Y N 29  
DA  C5    C4     doub Y N 30  
DA  C6    N6     sing N N 31  
DA  C6    N1     doub Y N 32  
DA  N6    H61    sing N N 33  
DA  N6    H62    sing N N 34  
DA  N1    C2     sing Y N 35  
DA  C2    N3     doub Y N 36  
DA  C2    H2     sing N N 37  
DA  N3    C4     sing Y N 38  
DC  OP3   P      sing N N 39  
DC  OP3   HOP3   sing N N 40  
DC  P     OP1    doub N N 41  
DC  P     OP2    sing N N 42  
DC  P     "O5'"  sing N N 43  
DC  OP2   HOP2   sing N N 44  
DC  "O5'" "C5'"  sing N N 45  
DC  "C5'" "C4'"  sing N N 46  
DC  "C5'" "H5'"  sing N N 47  
DC  "C5'" "H5''" sing N N 48  
DC  "C4'" "O4'"  sing N N 49  
DC  "C4'" "C3'"  sing N N 50  
DC  "C4'" "H4'"  sing N N 51  
DC  "O4'" "C1'"  sing N N 52  
DC  "C3'" "O3'"  sing N N 53  
DC  "C3'" "C2'"  sing N N 54  
DC  "C3'" "H3'"  sing N N 55  
DC  "O3'" "HO3'" sing N N 56  
DC  "C2'" "C1'"  sing N N 57  
DC  "C2'" "H2'"  sing N N 58  
DC  "C2'" "H2''" sing N N 59  
DC  "C1'" N1     sing N N 60  
DC  "C1'" "H1'"  sing N N 61  
DC  N1    C2     sing N N 62  
DC  N1    C6     sing N N 63  
DC  C2    O2     doub N N 64  
DC  C2    N3     sing N N 65  
DC  N3    C4     doub N N 66  
DC  C4    N4     sing N N 67  
DC  C4    C5     sing N N 68  
DC  N4    H41    sing N N 69  
DC  N4    H42    sing N N 70  
DC  C5    C6     doub N N 71  
DC  C5    H5     sing N N 72  
DC  C6    H6     sing N N 73  
DG  OP3   P      sing N N 74  
DG  OP3   HOP3   sing N N 75  
DG  P     OP1    doub N N 76  
DG  P     OP2    sing N N 77  
DG  P     "O5'"  sing N N 78  
DG  OP2   HOP2   sing N N 79  
DG  "O5'" "C5'"  sing N N 80  
DG  "C5'" "C4'"  sing N N 81  
DG  "C5'" "H5'"  sing N N 82  
DG  "C5'" "H5''" sing N N 83  
DG  "C4'" "O4'"  sing N N 84  
DG  "C4'" "C3'"  sing N N 85  
DG  "C4'" "H4'"  sing N N 86  
DG  "O4'" "C1'"  sing N N 87  
DG  "C3'" "O3'"  sing N N 88  
DG  "C3'" "C2'"  sing N N 89  
DG  "C3'" "H3'"  sing N N 90  
DG  "O3'" "HO3'" sing N N 91  
DG  "C2'" "C1'"  sing N N 92  
DG  "C2'" "H2'"  sing N N 93  
DG  "C2'" "H2''" sing N N 94  
DG  "C1'" N9     sing N N 95  
DG  "C1'" "H1'"  sing N N 96  
DG  N9    C8     sing Y N 97  
DG  N9    C4     sing Y N 98  
DG  C8    N7     doub Y N 99  
DG  C8    H8     sing N N 100 
DG  N7    C5     sing Y N 101 
DG  C5    C6     sing N N 102 
DG  C5    C4     doub Y N 103 
DG  C6    O6     doub N N 104 
DG  C6    N1     sing N N 105 
DG  N1    C2     sing N N 106 
DG  N1    H1     sing N N 107 
DG  C2    N2     sing N N 108 
DG  C2    N3     doub N N 109 
DG  N2    H21    sing N N 110 
DG  N2    H22    sing N N 111 
DG  N3    C4     sing N N 112 
DT  OP3   P      sing N N 113 
DT  OP3   HOP3   sing N N 114 
DT  P     OP1    doub N N 115 
DT  P     OP2    sing N N 116 
DT  P     "O5'"  sing N N 117 
DT  OP2   HOP2   sing N N 118 
DT  "O5'" "C5'"  sing N N 119 
DT  "C5'" "C4'"  sing N N 120 
DT  "C5'" "H5'"  sing N N 121 
DT  "C5'" "H5''" sing N N 122 
DT  "C4'" "O4'"  sing N N 123 
DT  "C4'" "C3'"  sing N N 124 
DT  "C4'" "H4'"  sing N N 125 
DT  "O4'" "C1'"  sing N N 126 
DT  "C3'" "O3'"  sing N N 127 
DT  "C3'" "C2'"  sing N N 128 
DT  "C3'" "H3'"  sing N N 129 
DT  "O3'" "HO3'" sing N N 130 
DT  "C2'" "C1'"  sing N N 131 
DT  "C2'" "H2'"  sing N N 132 
DT  "C2'" "H2''" sing N N 133 
DT  "C1'" N1     sing N N 134 
DT  "C1'" "H1'"  sing N N 135 
DT  N1    C2     sing N N 136 
DT  N1    C6     sing N N 137 
DT  C2    O2     doub N N 138 
DT  C2    N3     sing N N 139 
DT  N3    C4     sing N N 140 
DT  N3    H3     sing N N 141 
DT  C4    O4     doub N N 142 
DT  C4    C5     sing N N 143 
DT  C5    C7     sing N N 144 
DT  C5    C6     doub N N 145 
DT  C7    H71    sing N N 146 
DT  C7    H72    sing N N 147 
DT  C7    H73    sing N N 148 
DT  C6    H6     sing N N 149 
HOH O     H1     sing N N 150 
HOH O     H2     sing N N 151 
# 
_ndb_struct_conf_na.entry_id   1D56 
_ndb_struct_conf_na.feature    'b-form double helix' 
# 
loop_
_ndb_struct_na_base_pair.model_number 
_ndb_struct_na_base_pair.i_label_asym_id 
_ndb_struct_na_base_pair.i_label_comp_id 
_ndb_struct_na_base_pair.i_label_seq_id 
_ndb_struct_na_base_pair.i_symmetry 
_ndb_struct_na_base_pair.j_label_asym_id 
_ndb_struct_na_base_pair.j_label_comp_id 
_ndb_struct_na_base_pair.j_label_seq_id 
_ndb_struct_na_base_pair.j_symmetry 
_ndb_struct_na_base_pair.shear 
_ndb_struct_na_base_pair.stretch 
_ndb_struct_na_base_pair.stagger 
_ndb_struct_na_base_pair.buckle 
_ndb_struct_na_base_pair.propeller 
_ndb_struct_na_base_pair.opening 
_ndb_struct_na_base_pair.pair_number 
_ndb_struct_na_base_pair.pair_name 
_ndb_struct_na_base_pair.i_auth_asym_id 
_ndb_struct_na_base_pair.i_auth_seq_id 
_ndb_struct_na_base_pair.i_PDB_ins_code 
_ndb_struct_na_base_pair.j_auth_asym_id 
_ndb_struct_na_base_pair.j_auth_seq_id 
_ndb_struct_na_base_pair.j_PDB_ins_code 
_ndb_struct_na_base_pair.hbond_type_28 
_ndb_struct_na_base_pair.hbond_type_12 
1 A DC 1  1_555 B DG 10 1_555 0.222  -0.238 0.179  3.502  -2.400  2.115  1  A_DC1:DG20_B  A 1  ? B 20 ? 19 1 
1 A DG 2  1_555 B DC 9  1_555 -0.144 -0.311 0.209  12.241 -12.644 -0.674 2  A_DG2:DC19_B  A 2  ? B 19 ? 19 1 
1 A DA 3  1_555 B DT 8  1_555 0.214  -0.023 -0.171 0.421  -14.344 -0.734 3  A_DA3:DT18_B  A 3  ? B 18 ? 20 1 
1 A DT 4  1_555 B DA 7  1_555 -0.150 -0.202 -0.146 11.515 -15.116 2.032  4  A_DT4:DA17_B  A 4  ? B 17 ? 20 1 
1 A DA 5  1_555 B DT 6  1_555 0.229  -0.075 0.179  -3.202 -2.096  1.539  5  A_DA5:DT16_B  A 5  ? B 16 ? 20 1 
1 A DT 6  1_555 B DA 5  1_555 -0.181 -0.153 -0.110 2.755  -5.760  1.264  6  A_DT6:DA15_B  A 6  ? B 15 ? 20 1 
1 A DA 7  1_555 B DT 4  1_555 0.243  -0.265 0.161  2.729  -15.697 -4.685 7  A_DA7:DT14_B  A 7  ? B 14 ? 20 1 
1 A DT 8  1_555 B DA 3  1_555 0.029  -0.196 -0.143 4.069  -16.757 2.465  8  A_DT8:DA13_B  A 8  ? B 13 ? 20 1 
1 A DC 9  1_555 B DG 2  1_555 0.322  -0.275 0.206  -6.878 -11.518 -5.389 9  A_DC9:DG12_B  A 9  ? B 12 ? 19 1 
1 A DG 10 1_555 B DC 1  1_555 -0.328 -0.002 0.013  0.814  5.205   0.015  10 A_DG10:DC11_B A 10 ? B 11 ? 19 1 
# 
loop_
_ndb_struct_na_base_pair_step.model_number 
_ndb_struct_na_base_pair_step.i_label_asym_id_1 
_ndb_struct_na_base_pair_step.i_label_comp_id_1 
_ndb_struct_na_base_pair_step.i_label_seq_id_1 
_ndb_struct_na_base_pair_step.i_symmetry_1 
_ndb_struct_na_base_pair_step.j_label_asym_id_1 
_ndb_struct_na_base_pair_step.j_label_comp_id_1 
_ndb_struct_na_base_pair_step.j_label_seq_id_1 
_ndb_struct_na_base_pair_step.j_symmetry_1 
_ndb_struct_na_base_pair_step.i_label_asym_id_2 
_ndb_struct_na_base_pair_step.i_label_comp_id_2 
_ndb_struct_na_base_pair_step.i_label_seq_id_2 
_ndb_struct_na_base_pair_step.i_symmetry_2 
_ndb_struct_na_base_pair_step.j_label_asym_id_2 
_ndb_struct_na_base_pair_step.j_label_comp_id_2 
_ndb_struct_na_base_pair_step.j_label_seq_id_2 
_ndb_struct_na_base_pair_step.j_symmetry_2 
_ndb_struct_na_base_pair_step.shift 
_ndb_struct_na_base_pair_step.slide 
_ndb_struct_na_base_pair_step.rise 
_ndb_struct_na_base_pair_step.tilt 
_ndb_struct_na_base_pair_step.roll 
_ndb_struct_na_base_pair_step.twist 
_ndb_struct_na_base_pair_step.x_displacement 
_ndb_struct_na_base_pair_step.y_displacement 
_ndb_struct_na_base_pair_step.helical_rise 
_ndb_struct_na_base_pair_step.inclination 
_ndb_struct_na_base_pair_step.tip 
_ndb_struct_na_base_pair_step.helical_twist 
_ndb_struct_na_base_pair_step.step_number 
_ndb_struct_na_base_pair_step.step_name 
_ndb_struct_na_base_pair_step.i_auth_asym_id_1 
_ndb_struct_na_base_pair_step.i_auth_seq_id_1 
_ndb_struct_na_base_pair_step.i_PDB_ins_code_1 
_ndb_struct_na_base_pair_step.j_auth_asym_id_1 
_ndb_struct_na_base_pair_step.j_auth_seq_id_1 
_ndb_struct_na_base_pair_step.j_PDB_ins_code_1 
_ndb_struct_na_base_pair_step.i_auth_asym_id_2 
_ndb_struct_na_base_pair_step.i_auth_seq_id_2 
_ndb_struct_na_base_pair_step.i_PDB_ins_code_2 
_ndb_struct_na_base_pair_step.j_auth_asym_id_2 
_ndb_struct_na_base_pair_step.j_auth_seq_id_2 
_ndb_struct_na_base_pair_step.j_PDB_ins_code_2 
1 A DC 1 1_555 B DG 10 1_555 A DG 2  1_555 B DC 9 1_555 -0.544 0.808  3.245 0.636  -0.918 34.791 1.488  1.005  3.213 -1.535 -1.063 
34.808 1 AA_DC1DG2:DC19DG20_BB  A 1 ? B 20 ? A 2  ? B 19 ? 
1 A DG 2 1_555 B DC 9  1_555 A DA 3  1_555 B DT 8 1_555 0.229  -0.125 3.663 2.207  -4.088 42.592 0.287  -0.066 3.666 -5.608 -3.027 
42.833 2 AA_DG2DA3:DT18DC19_BB  A 2 ? B 19 ? A 3  ? B 18 ? 
1 A DA 3 1_555 B DT 8  1_555 A DT 4  1_555 B DA 7 1_555 0.699  -0.566 3.026 -0.747 2.851  30.049 -1.617 -1.480 2.943 5.481  1.436  
30.190 3 AA_DA3DT4:DA17DT18_BB  A 3 ? B 18 ? A 4  ? B 17 ? 
1 A DT 4 1_555 B DA 7  1_555 A DA 5  1_555 B DT 6 1_555 -0.017 0.070  3.648 -1.844 0.284  42.344 0.064  -0.186 3.646 0.393  2.551  
42.383 4 AA_DT4DA5:DT16DA17_BB  A 4 ? B 17 ? A 5  ? B 16 ? 
1 A DA 5 1_555 B DT 6  1_555 A DT 6  1_555 B DA 5 1_555 -0.317 -0.177 3.251 3.128  6.593  22.480 -2.590 1.797  3.006 16.367 -7.765 
23.620 5 AA_DA5DT6:DA15DT16_BB  A 5 ? B 16 ? A 6  ? B 15 ? 
1 A DT 6 1_555 B DA 5  1_555 A DA 7  1_555 B DT 4 1_555 -0.665 1.175  3.417 -3.696 -3.974 46.031 1.843  0.519  3.351 -5.061 4.708  
46.332 6 AA_DT6DA7:DT14DA15_BB  A 6 ? B 15 ? A 7  ? B 14 ? 
1 A DA 7 1_555 B DT 4  1_555 A DT 8  1_555 B DA 3 1_555 0.466  -0.352 3.225 3.317  -3.367 31.603 -0.030 -0.247 3.275 -6.139 -6.048 
31.945 7 AA_DA7DT8:DA13DT14_BB  A 7 ? B 14 ? A 8  ? B 13 ? 
1 A DT 8 1_555 B DA 3  1_555 A DC 9  1_555 B DG 2 1_555 -0.085 -0.103 3.554 -2.463 1.233  40.893 -0.294 -0.170 3.548 1.763  3.520  
40.981 8 AA_DT8DC9:DG12DA13_BB  A 8 ? B 13 ? A 9  ? B 12 ? 
1 A DC 9 1_555 B DG 2  1_555 A DG 10 1_555 B DC 1 1_555 0.694  0.880  3.189 2.499  0.149  36.731 1.373  -0.766 3.231 0.236  -3.960 
36.813 9 AA_DC9DG10:DC11DG12_BB A 9 ? B 12 ? A 10 ? B 11 ? 
# 
_atom_sites.entry_id                    1D56 
_atom_sites.fract_transf_matrix[1][1]   0.00640799 
_atom_sites.fract_transf_matrix[1][2]   -0.02060461 
_atom_sites.fract_transf_matrix[1][3]   0.01414312 
_atom_sites.fract_transf_matrix[2][1]   -0.01873912 
_atom_sites.fract_transf_matrix[2][2]   -0.01288980 
_atom_sites.fract_transf_matrix[2][3]   -0.01028833 
_atom_sites.fract_transf_matrix[3][1]   0.01815009 
_atom_sites.fract_transf_matrix[3][2]   -0.00916516 
_atom_sites.fract_transf_matrix[3][3]   -0.02157588 
_atom_sites.fract_transf_vector[1]      0.246674 
_atom_sites.fract_transf_vector[2]      0.248899 
_atom_sites.fract_transf_vector[3]      0.184677 
# 
loop_
_atom_type.symbol 
C  
CA 
N  
O  
P  
# 
loop_
_atom_site.group_PDB 
_atom_site.id 
_atom_site.type_symbol 
_atom_site.label_atom_id 
_atom_site.label_alt_id 
_atom_site.label_comp_id 
_atom_site.label_asym_id 
_atom_site.label_entity_id 
_atom_site.label_seq_id 
_atom_site.pdbx_PDB_ins_code 
_atom_site.Cartn_x 
_atom_site.Cartn_y 
_atom_site.Cartn_z 
_atom_site.occupancy 
_atom_site.B_iso_or_equiv 
_atom_site.pdbx_formal_charge 
_atom_site.auth_seq_id 
_atom_site.auth_comp_id 
_atom_site.auth_asym_id 
_atom_site.auth_atom_id 
_atom_site.pdbx_PDB_model_num 
ATOM   1   O  "O5'" . DC  A 1 1  ? -15.864 3.452   6.151   1.00 27.53 ? 1   DC  A "O5'" 1 
ATOM   2   C  "C5'" . DC  A 1 1  ? -16.489 4.633   6.722   1.00 22.19 ? 1   DC  A "C5'" 1 
ATOM   3   C  "C4'" . DC  A 1 1  ? -15.412 5.723   6.632   1.00 23.93 ? 1   DC  A "C4'" 1 
ATOM   4   O  "O4'" . DC  A 1 1  ? -14.588 5.712   7.779   1.00 29.74 ? 1   DC  A "O4'" 1 
ATOM   5   C  "C3'" . DC  A 1 1  ? -14.503 5.554   5.430   1.00 14.03 ? 1   DC  A "C3'" 1 
ATOM   6   O  "O3'" . DC  A 1 1  ? -14.226 6.791   4.766   1.00 29.62 ? 1   DC  A "O3'" 1 
ATOM   7   C  "C2'" . DC  A 1 1  ? -13.264 4.883   6.028   1.00 27.55 ? 1   DC  A "C2'" 1 
ATOM   8   C  "C1'" . DC  A 1 1  ? -13.220 5.471   7.415   1.00 24.69 ? 1   DC  A "C1'" 1 
ATOM   9   N  N1    . DC  A 1 1  ? -12.553 4.548   8.349   1.00 20.78 ? 1   DC  A N1    1 
ATOM   10  C  C2    . DC  A 1 1  ? -11.492 5.055   9.087   1.00 12.08 ? 1   DC  A C2    1 
ATOM   11  O  O2    . DC  A 1 1  ? -11.162 6.234   8.952   1.00 10.79 ? 1   DC  A O2    1 
ATOM   12  N  N3    . DC  A 1 1  ? -10.859 4.216   9.967   1.00 19.60 ? 1   DC  A N3    1 
ATOM   13  C  C4    . DC  A 1 1  ? -11.254 2.925   10.127  1.00 10.02 ? 1   DC  A C4    1 
ATOM   14  N  N4    . DC  A 1 1  ? -10.613 2.133   10.993  1.00 8.36  ? 1   DC  A N4    1 
ATOM   15  C  C5    . DC  A 1 1  ? -12.334 2.418   9.346   1.00 16.21 ? 1   DC  A C5    1 
ATOM   16  C  C6    . DC  A 1 1  ? -12.937 3.241   8.499   1.00 15.29 ? 1   DC  A C6    1 
ATOM   17  P  P     . DG  A 1 2  ? -14.094 6.865   3.159   1.00 28.52 ? 2   DG  A P     1 
ATOM   18  O  OP1   . DG  A 1 2  ? -15.380 7.464   2.749   1.00 39.38 ? 2   DG  A OP1   1 
ATOM   19  O  OP2   . DG  A 1 2  ? -13.796 5.563   2.507   1.00 28.62 ? 2   DG  A OP2   1 
ATOM   20  O  "O5'" . DG  A 1 2  ? -12.807 7.832   3.047   1.00 13.44 ? 2   DG  A "O5'" 1 
ATOM   21  C  "C5'" . DG  A 1 2  ? -12.957 8.955   4.020   1.00 10.59 ? 2   DG  A "C5'" 1 
ATOM   22  C  "C4'" . DG  A 1 2  ? -11.556 9.395   4.252   1.00 11.62 ? 2   DG  A "C4'" 1 
ATOM   23  O  "O4'" . DG  A 1 2  ? -10.873 8.621   5.192   1.00 16.30 ? 2   DG  A "O4'" 1 
ATOM   24  C  "C3'" . DG  A 1 2  ? -10.663 9.344   2.962   1.00 12.19 ? 2   DG  A "C3'" 1 
ATOM   25  O  "O3'" . DG  A 1 2  ? -9.885  10.506  2.965   1.00 14.83 ? 2   DG  A "O3'" 1 
ATOM   26  C  "C2'" . DG  A 1 2  ? -9.913  8.057   3.130   1.00 12.25 ? 2   DG  A "C2'" 1 
ATOM   27  C  "C1'" . DG  A 1 2  ? -9.712  7.996   4.618   1.00 11.01 ? 2   DG  A "C1'" 1 
ATOM   28  N  N9    . DG  A 1 2  ? -9.637  6.618   5.122   1.00 17.28 ? 2   DG  A N9    1 
ATOM   29  C  C8    . DG  A 1 2  ? -10.347 5.520   4.727   1.00 13.56 ? 2   DG  A C8    1 
ATOM   30  N  N7    . DG  A 1 2  ? -10.063 4.427   5.397   1.00 12.76 ? 2   DG  A N7    1 
ATOM   31  C  C5    . DG  A 1 2  ? -9.133  4.866   6.337   1.00 10.89 ? 2   DG  A C5    1 
ATOM   32  C  C6    . DG  A 1 2  ? -8.438  4.149   7.351   1.00 15.48 ? 2   DG  A C6    1 
ATOM   33  O  O6    . DG  A 1 2  ? -8.577  2.942   7.608   1.00 13.72 ? 2   DG  A O6    1 
ATOM   34  N  N1    . DG  A 1 2  ? -7.584  4.898   8.093   1.00 12.30 ? 2   DG  A N1    1 
ATOM   35  C  C2    . DG  A 1 2  ? -7.398  6.234   7.860   1.00 2.89  ? 2   DG  A C2    1 
ATOM   36  N  N2    . DG  A 1 2  ? -6.498  6.842   8.636   1.00 12.19 ? 2   DG  A N2    1 
ATOM   37  N  N3    . DG  A 1 2  ? -8.008  6.951   6.898   1.00 4.85  ? 2   DG  A N3    1 
ATOM   38  C  C4    . DG  A 1 2  ? -8.848  6.205   6.184   1.00 4.58  ? 2   DG  A C4    1 
ATOM   39  P  P     . DA  A 1 3  ? -8.655  10.965  2.123   1.00 18.96 ? 3   DA  A P     1 
ATOM   40  O  OP1   . DA  A 1 3  ? -8.981  12.437  2.117   1.00 12.12 ? 3   DA  A OP1   1 
ATOM   41  O  OP2   . DA  A 1 3  ? -8.631  10.258  0.807   1.00 12.39 ? 3   DA  A OP2   1 
ATOM   42  O  "O5'" . DA  A 1 3  ? -7.274  10.686  2.874   1.00 14.33 ? 3   DA  A "O5'" 1 
ATOM   43  C  "C5'" . DA  A 1 3  ? -7.021  11.400  4.123   1.00 9.06  ? 3   DA  A "C5'" 1 
ATOM   44  C  "C4'" . DA  A 1 3  ? -5.788  10.763  4.736   1.00 19.69 ? 3   DA  A "C4'" 1 
ATOM   45  O  "O4'" . DA  A 1 3  ? -6.010  9.444   5.150   1.00 17.56 ? 3   DA  A "O4'" 1 
ATOM   46  C  "C3'" . DA  A 1 3  ? -4.577  10.703  3.782   1.00 6.99  ? 3   DA  A "C3'" 1 
ATOM   47  O  "O3'" . DA  A 1 3  ? -3.479  11.268  4.475   1.00 10.26 ? 3   DA  A "O3'" 1 
ATOM   48  C  "C2'" . DA  A 1 3  ? -4.430  9.246   3.444   1.00 9.72  ? 3   DA  A "C2'" 1 
ATOM   49  C  "C1'" . DA  A 1 3  ? -4.939  8.569   4.704   1.00 10.81 ? 3   DA  A "C1'" 1 
ATOM   50  N  N9    . DA  A 1 3  ? -5.472  7.240   4.432   1.00 2.27  ? 3   DA  A N9    1 
ATOM   51  C  C8    . DA  A 1 3  ? -6.356  6.914   3.409   1.00 17.05 ? 3   DA  A C8    1 
ATOM   52  N  N7    . DA  A 1 3  ? -6.720  5.673   3.393   1.00 11.56 ? 3   DA  A N7    1 
ATOM   53  C  C5    . DA  A 1 3  ? -6.015  5.121   4.462   1.00 12.54 ? 3   DA  A C5    1 
ATOM   54  C  C6    . DA  A 1 3  ? -5.973  3.781   4.964   1.00 10.62 ? 3   DA  A C6    1 
ATOM   55  N  N6    . DA  A 1 3  ? -6.671  2.810   4.410   1.00 11.82 ? 3   DA  A N6    1 
ATOM   56  N  N1    . DA  A 1 3  ? -5.157  3.615   6.041   1.00 4.34  ? 3   DA  A N1    1 
ATOM   57  C  C2    . DA  A 1 3  ? -4.472  4.629   6.594   1.00 8.65  ? 3   DA  A C2    1 
ATOM   58  N  N3    . DA  A 1 3  ? -4.453  5.921   6.191   1.00 11.70 ? 3   DA  A N3    1 
ATOM   59  C  C4    . DA  A 1 3  ? -5.268  6.076   5.111   1.00 11.30 ? 3   DA  A C4    1 
ATOM   60  P  P     . DT  A 1 4  ? -2.033  11.443  3.898   1.00 11.61 ? 4   DT  A P     1 
ATOM   61  O  OP1   . DT  A 1 4  ? -1.432  12.499  4.678   1.00 12.66 ? 4   DT  A OP1   1 
ATOM   62  O  OP2   . DT  A 1 4  ? -2.084  11.452  2.414   1.00 11.78 ? 4   DT  A OP2   1 
ATOM   63  O  "O5'" . DT  A 1 4  ? -1.288  10.009  4.230   1.00 16.84 ? 4   DT  A "O5'" 1 
ATOM   64  C  "C5'" . DT  A 1 4  ? -1.132  9.699   5.637   1.00 16.25 ? 4   DT  A "C5'" 1 
ATOM   65  C  "C4'" . DT  A 1 4  ? -0.631  8.253   5.602   1.00 13.48 ? 4   DT  A "C4'" 1 
ATOM   66  O  "O4'" . DT  A 1 4  ? -1.571  7.384   5.079   1.00 14.23 ? 4   DT  A "O4'" 1 
ATOM   67  C  "C3'" . DT  A 1 4  ? 0.624   8.085   4.732   1.00 16.55 ? 4   DT  A "C3'" 1 
ATOM   68  O  "O3'" . DT  A 1 4  ? 1.713   7.848   5.624   1.00 29.31 ? 4   DT  A "O3'" 1 
ATOM   69  C  "C2'" . DT  A 1 4  ? 0.296   6.942   3.788   1.00 8.69  ? 4   DT  A "C2'" 1 
ATOM   70  C  "C1'" . DT  A 1 4  ? -0.815  6.251   4.472   1.00 11.57 ? 4   DT  A "C1'" 1 
ATOM   71  N  N1    . DT  A 1 4  ? -1.765  5.505   3.666   1.00 15.99 ? 4   DT  A N1    1 
ATOM   72  C  C2    . DT  A 1 4  ? -2.081  4.207   4.090   1.00 6.90  ? 4   DT  A C2    1 
ATOM   73  O  O2    . DT  A 1 4  ? -1.502  3.722   5.080   1.00 10.80 ? 4   DT  A O2    1 
ATOM   74  N  N3    . DT  A 1 4  ? -3.002  3.506   3.387   1.00 9.28  ? 4   DT  A N3    1 
ATOM   75  C  C4    . DT  A 1 4  ? -3.648  4.032   2.304   1.00 7.67  ? 4   DT  A C4    1 
ATOM   76  O  O4    . DT  A 1 4  ? -4.495  3.309   1.699   1.00 6.20  ? 4   DT  A O4    1 
ATOM   77  C  C5    . DT  A 1 4  ? -3.333  5.358   1.886   1.00 16.31 ? 4   DT  A C5    1 
ATOM   78  C  C7    . DT  A 1 4  ? -4.018  5.937   0.687   1.00 17.70 ? 4   DT  A C7    1 
ATOM   79  C  C6    . DT  A 1 4  ? -2.426  6.047   2.587   1.00 14.64 ? 4   DT  A C6    1 
ATOM   80  P  P     . DA  A 1 5  ? 3.210   7.624   5.179   1.00 22.97 ? 5   DA  A P     1 
ATOM   81  O  OP1   . DA  A 1 5  ? 3.981   8.401   6.194   1.00 20.45 ? 5   DA  A OP1   1 
ATOM   82  O  OP2   . DA  A 1 5  ? 3.439   7.901   3.762   1.00 17.80 ? 5   DA  A OP2   1 
ATOM   83  O  "O5'" . DA  A 1 5  ? 3.456   6.040   5.411   1.00 19.07 ? 5   DA  A "O5'" 1 
ATOM   84  C  "C5'" . DA  A 1 5  ? 3.219   5.392   6.655   1.00 17.80 ? 5   DA  A "C5'" 1 
ATOM   85  C  "C4'" . DA  A 1 5  ? 3.371   3.884   6.333   1.00 10.91 ? 5   DA  A "C4'" 1 
ATOM   86  O  "O4'" . DA  A 1 5  ? 2.296   3.493   5.536   1.00 18.42 ? 5   DA  A "O4'" 1 
ATOM   87  C  "C3'" . DA  A 1 5  ? 4.651   3.508   5.601   1.00 12.59 ? 5   DA  A "C3'" 1 
ATOM   88  O  "O3'" . DA  A 1 5  ? 5.356   2.447   6.288   1.00 20.04 ? 5   DA  A "O3'" 1 
ATOM   89  C  "C2'" . DA  A 1 5  ? 4.175   3.105   4.204   1.00 12.74 ? 5   DA  A "C2'" 1 
ATOM   90  C  "C1'" . DA  A 1 5  ? 2.796   2.637   4.424   1.00 9.56  ? 5   DA  A "C1'" 1 
ATOM   91  N  N9    . DA  A 1 5  ? 1.841   2.830   3.326   1.00 11.24 ? 5   DA  A N9    1 
ATOM   92  C  C8    . DA  A 1 5  ? 1.540   3.993   2.690   1.00 8.70  ? 5   DA  A C8    1 
ATOM   93  N  N7    . DA  A 1 5  ? 0.616   3.893   1.787   1.00 9.22  ? 5   DA  A N7    1 
ATOM   94  C  C5    . DA  A 1 5  ? 0.244   2.554   1.836   1.00 5.54  ? 5   DA  A C5    1 
ATOM   95  C  C6    . DA  A 1 5  ? -0.723  1.814   1.114   1.00 4.88  ? 5   DA  A C6    1 
ATOM   96  N  N6    . DA  A 1 5  ? -1.487  2.371   0.184   1.00 14.47 ? 5   DA  A N6    1 
ATOM   97  N  N1    . DA  A 1 5  ? -0.836  0.513   1.433   1.00 4.71  ? 5   DA  A N1    1 
ATOM   98  C  C2    . DA  A 1 5  ? -0.038  -0.055  2.400   1.00 7.42  ? 5   DA  A C2    1 
ATOM   99  N  N3    . DA  A 1 5  ? 0.895   0.575   3.121   1.00 9.98  ? 5   DA  A N3    1 
ATOM   100 C  C4    . DA  A 1 5  ? 0.990   1.878   2.792   1.00 14.91 ? 5   DA  A C4    1 
ATOM   101 P  P     . DT  A 1 6  ? 6.899   2.127   6.006   1.00 15.57 ? 6   DT  A P     1 
ATOM   102 O  OP1   . DT  A 1 6  ? 7.432   1.702   7.337   1.00 20.65 ? 6   DT  A OP1   1 
ATOM   103 O  OP2   . DT  A 1 6  ? 7.599   3.282   5.392   1.00 9.21  ? 6   DT  A OP2   1 
ATOM   104 O  "O5'" . DT  A 1 6  ? 6.823   0.912   4.957   1.00 10.41 ? 6   DT  A "O5'" 1 
ATOM   105 C  "C5'" . DT  A 1 6  ? 6.096   -0.266  5.500   1.00 16.24 ? 6   DT  A "C5'" 1 
ATOM   106 C  "C4'" . DT  A 1 6  ? 5.934   -1.219  4.354   1.00 12.70 ? 6   DT  A "C4'" 1 
ATOM   107 O  "O4'" . DT  A 1 6  ? 4.818   -0.778  3.552   1.00 17.04 ? 6   DT  A "O4'" 1 
ATOM   108 C  "C3'" . DT  A 1 6  ? 7.089   -1.352  3.390   1.00 22.22 ? 6   DT  A "C3'" 1 
ATOM   109 O  "O3'" . DT  A 1 6  ? 7.270   -2.699  2.951   1.00 16.45 ? 6   DT  A "O3'" 1 
ATOM   110 C  "C2'" . DT  A 1 6  ? 6.649   -0.471  2.186   1.00 10.51 ? 6   DT  A "C2'" 1 
ATOM   111 C  "C1'" . DT  A 1 6  ? 5.192   -0.916  2.169   1.00 10.22 ? 6   DT  A "C1'" 1 
ATOM   112 N  N1    . DT  A 1 6  ? 4.345   -0.101  1.301   1.00 7.01  ? 6   DT  A N1    1 
ATOM   113 C  C2    . DT  A 1 6  ? 3.279   -0.734  0.692   1.00 8.72  ? 6   DT  A C2    1 
ATOM   114 O  O2    . DT  A 1 6  ? 3.048   -1.922  0.891   1.00 15.30 ? 6   DT  A O2    1 
ATOM   115 N  N3    . DT  A 1 6  ? 2.464   0.027   -0.128  1.00 16.21 ? 6   DT  A N3    1 
ATOM   116 C  C4    . DT  A 1 6  ? 2.701   1.363   -0.310  1.00 6.89  ? 6   DT  A C4    1 
ATOM   117 O  O4    . DT  A 1 6  ? 1.878   1.959   -1.093  1.00 11.83 ? 6   DT  A O4    1 
ATOM   118 C  C5    . DT  A 1 6  ? 3.785   1.982   0.312   1.00 10.66 ? 6   DT  A C5    1 
ATOM   119 C  C7    . DT  A 1 6  ? 4.095   3.442   0.114   1.00 13.63 ? 6   DT  A C7    1 
ATOM   120 C  C6    . DT  A 1 6  ? 4.585   1.231   1.090   1.00 17.08 ? 6   DT  A C6    1 
ATOM   121 P  P     . DA  A 1 7  ? 8.598   -3.534  3.366   1.00 14.78 ? 7   DA  A P     1 
ATOM   122 O  OP1   . DA  A 1 7  ? 8.564   -3.402  4.847   1.00 12.85 ? 7   DA  A OP1   1 
ATOM   123 O  OP2   . DA  A 1 7  ? 9.795   -3.010  2.705   1.00 14.58 ? 7   DA  A OP2   1 
ATOM   124 O  "O5'" . DA  A 1 7  ? 8.167   -4.994  2.850   1.00 19.75 ? 7   DA  A "O5'" 1 
ATOM   125 C  "C5'" . DA  A 1 7  ? 6.986   -5.576  3.457   1.00 13.88 ? 7   DA  A "C5'" 1 
ATOM   126 C  "C4'" . DA  A 1 7  ? 6.297   -6.386  2.382   1.00 19.36 ? 7   DA  A "C4'" 1 
ATOM   127 O  "O4'" . DA  A 1 7  ? 5.485   -5.565  1.549   1.00 18.51 ? 7   DA  A "O4'" 1 
ATOM   128 C  "C3'" . DA  A 1 7  ? 7.217   -7.181  1.451   1.00 15.63 ? 7   DA  A "C3'" 1 
ATOM   129 O  "O3'" . DA  A 1 7  ? 6.719   -8.500  1.318   1.00 16.38 ? 7   DA  A "O3'" 1 
ATOM   130 C  "C2'" . DA  A 1 7  ? 7.185   -6.401  0.141   1.00 5.39  ? 7   DA  A "C2'" 1 
ATOM   131 C  "C1'" . DA  A 1 7  ? 5.883   -5.718  0.170   1.00 11.92 ? 7   DA  A "C1'" 1 
ATOM   132 N  N9    . DA  A 1 7  ? 5.937   -4.362  -0.431  1.00 18.03 ? 7   DA  A N9    1 
ATOM   133 C  C8    . DA  A 1 7  ? 6.853   -3.371  -0.201  1.00 21.97 ? 7   DA  A C8    1 
ATOM   134 N  N7    . DA  A 1 7  ? 6.600   -2.271  -0.867  1.00 17.29 ? 7   DA  A N7    1 
ATOM   135 C  C5    . DA  A 1 7  ? 5.443   -2.575  -1.577  1.00 15.13 ? 7   DA  A C5    1 
ATOM   136 C  C6    . DA  A 1 7  ? 4.669   -1.793  -2.468  1.00 16.84 ? 7   DA  A C6    1 
ATOM   137 N  N6    . DA  A 1 7  ? 4.979   -0.547  -2.783  1.00 12.08 ? 7   DA  A N6    1 
ATOM   138 N  N1    . DA  A 1 7  ? 3.574   -2.427  -2.975  1.00 8.49  ? 7   DA  A N1    1 
ATOM   139 C  C2    . DA  A 1 7  ? 3.244   -3.696  -2.631  1.00 13.82 ? 7   DA  A C2    1 
ATOM   140 N  N3    . DA  A 1 7  ? 3.910   -4.489  -1.790  1.00 9.69  ? 7   DA  A N3    1 
ATOM   141 C  C4    . DA  A 1 7  ? 5.011   -3.850  -1.301  1.00 18.83 ? 7   DA  A C4    1 
ATOM   142 P  P     . DT  A 1 8  ? 7.173   -9.687  0.345   1.00 24.18 ? 8   DT  A P     1 
ATOM   143 O  OP1   . DT  A 1 8  ? 6.534   -10.849 1.020   1.00 21.88 ? 8   DT  A OP1   1 
ATOM   144 O  OP2   . DT  A 1 8  ? 8.649   -9.642  0.145   1.00 29.85 ? 8   DT  A OP2   1 
ATOM   145 O  "O5'" . DT  A 1 8  ? 6.462   -9.457  -1.070  1.00 21.04 ? 8   DT  A "O5'" 1 
ATOM   146 C  "C5'" . DT  A 1 8  ? 4.980   -9.399  -0.958  1.00 17.89 ? 8   DT  A "C5'" 1 
ATOM   147 C  "C4'" . DT  A 1 8  ? 4.537   -8.996  -2.369  1.00 16.97 ? 8   DT  A "C4'" 1 
ATOM   148 O  "O4'" . DT  A 1 8  ? 4.783   -7.633  -2.589  1.00 14.47 ? 8   DT  A "O4'" 1 
ATOM   149 C  "C3'" . DT  A 1 8  ? 5.243   -9.775  -3.476  1.00 10.09 ? 8   DT  A "C3'" 1 
ATOM   150 O  "O3'" . DT  A 1 8  ? 4.328   -10.588 -4.163  1.00 10.26 ? 8   DT  A "O3'" 1 
ATOM   151 C  "C2'" . DT  A 1 8  ? 5.912   -8.686  -4.329  1.00 9.56  ? 8   DT  A "C2'" 1 
ATOM   152 C  "C1'" . DT  A 1 8  ? 5.157   -7.465  -3.996  1.00 8.80  ? 8   DT  A "C1'" 1 
ATOM   153 N  N1    . DT  A 1 8  ? 5.946   -6.227  -4.071  1.00 7.69  ? 8   DT  A N1    1 
ATOM   154 C  C2    . DT  A 1 8  ? 5.336   -5.134  -4.747  1.00 5.90  ? 8   DT  A C2    1 
ATOM   155 O  O2    . DT  A 1 8  ? 4.231   -5.275  -5.259  1.00 10.25 ? 8   DT  A O2    1 
ATOM   156 N  N3    . DT  A 1 8  ? 6.022   -3.994  -4.770  1.00 3.57  ? 8   DT  A N3    1 
ATOM   157 C  C4    . DT  A 1 8  ? 7.252   -3.816  -4.219  1.00 5.56  ? 8   DT  A C4    1 
ATOM   158 O  O4    . DT  A 1 8  ? 7.784   -2.675  -4.325  1.00 9.84  ? 8   DT  A O4    1 
ATOM   159 C  C5    . DT  A 1 8  ? 7.856   -4.919  -3.548  1.00 12.61 ? 8   DT  A C5    1 
ATOM   160 C  C7    . DT  A 1 8  ? 9.214   -4.789  -2.919  1.00 18.51 ? 8   DT  A C7    1 
ATOM   161 C  C6    . DT  A 1 8  ? 7.161   -6.075  -3.489  1.00 10.84 ? 8   DT  A C6    1 
ATOM   162 P  P     . DC  A 1 9  ? 4.453   -11.402 -5.519  1.00 17.78 ? 9   DC  A P     1 
ATOM   163 O  OP1   . DC  A 1 9  ? 3.435   -12.453 -5.420  1.00 13.92 ? 9   DC  A OP1   1 
ATOM   164 O  OP2   . DC  A 1 9  ? 5.807   -11.870 -5.902  1.00 13.45 ? 9   DC  A OP2   1 
ATOM   165 O  "O5'" . DC  A 1 9  ? 3.964   -10.338 -6.652  1.00 15.23 ? 9   DC  A "O5'" 1 
ATOM   166 C  "C5'" . DC  A 1 9  ? 2.629   -9.797  -6.503  1.00 7.86  ? 9   DC  A "C5'" 1 
ATOM   167 C  "C4'" . DC  A 1 9  ? 2.552   -8.716  -7.630  1.00 8.08  ? 9   DC  A "C4'" 1 
ATOM   168 O  "O4'" . DC  A 1 9  ? 3.458   -7.724  -7.451  1.00 17.14 ? 9   DC  A "O4'" 1 
ATOM   169 C  "C3'" . DC  A 1 9  ? 2.795   -9.353  -9.023  1.00 21.39 ? 9   DC  A "C3'" 1 
ATOM   170 O  "O3'" . DC  A 1 9  ? 1.686   -9.048  -9.863  1.00 21.97 ? 9   DC  A "O3'" 1 
ATOM   171 C  "C2'" . DC  A 1 9  ? 4.151   -8.794  -9.403  1.00 13.53 ? 9   DC  A "C2'" 1 
ATOM   172 C  "C1'" . DC  A 1 9  ? 4.212   -7.502  -8.742  1.00 18.37 ? 9   DC  A "C1'" 1 
ATOM   173 N  N1    . DC  A 1 9  ? 5.478   -6.905  -8.325  1.00 19.83 ? 9   DC  A N1    1 
ATOM   174 C  C2    . DC  A 1 9  ? 5.659   -5.561  -8.734  1.00 15.03 ? 9   DC  A C2    1 
ATOM   175 O  O2    . DC  A 1 9  ? 4.821   -5.009  -9.465  1.00 12.63 ? 9   DC  A O2    1 
ATOM   176 N  N3    . DC  A 1 9  ? 6.782   -4.928  -8.327  1.00 13.34 ? 9   DC  A N3    1 
ATOM   177 C  C4    . DC  A 1 9  ? 7.719   -5.513  -7.532  1.00 12.64 ? 9   DC  A C4    1 
ATOM   178 N  N4    . DC  A 1 9  ? 8.776   -4.780  -7.176  1.00 5.55  ? 9   DC  A N4    1 
ATOM   179 C  C5    . DC  A 1 9  ? 7.545   -6.866  -7.113  1.00 9.44  ? 9   DC  A C5    1 
ATOM   180 C  C6    . DC  A 1 9  ? 6.418   -7.491  -7.525  1.00 11.01 ? 9   DC  A C6    1 
ATOM   181 P  P     . DG  A 1 10 ? 1.384   -9.694  -11.284 1.00 17.13 ? 10  DG  A P     1 
ATOM   182 O  OP1   . DG  A 1 10 ? -0.066  -9.747  -11.397 1.00 23.15 ? 10  DG  A OP1   1 
ATOM   183 O  OP2   . DG  A 1 10 ? 2.072   -11.020 -11.448 1.00 22.47 ? 10  DG  A OP2   1 
ATOM   184 O  "O5'" . DG  A 1 10 ? 2.114   -8.649  -12.291 1.00 21.48 ? 10  DG  A "O5'" 1 
ATOM   185 C  "C5'" . DG  A 1 10 ? 1.804   -7.245  -12.248 1.00 18.72 ? 10  DG  A "C5'" 1 
ATOM   186 C  "C4'" . DG  A 1 10 ? 2.440   -6.628  -13.510 1.00 22.20 ? 10  DG  A "C4'" 1 
ATOM   187 O  "O4'" . DG  A 1 10 ? 3.689   -6.073  -13.168 1.00 19.27 ? 10  DG  A "O4'" 1 
ATOM   188 C  "C3'" . DG  A 1 10 ? 2.679   -7.602  -14.642 1.00 7.14  ? 10  DG  A "C3'" 1 
ATOM   189 O  "O3'" . DG  A 1 10 ? 2.495   -7.042  -15.948 1.00 19.28 ? 10  DG  A "O3'" 1 
ATOM   190 C  "C2'" . DG  A 1 10 ? 4.142   -8.030  -14.407 1.00 16.08 ? 10  DG  A "C2'" 1 
ATOM   191 C  "C1'" . DG  A 1 10 ? 4.751   -6.780  -13.874 1.00 21.42 ? 10  DG  A "C1'" 1 
ATOM   192 N  N9    . DG  A 1 10 ? 5.844   -7.002  -12.925 1.00 18.78 ? 10  DG  A N9    1 
ATOM   193 C  C8    . DG  A 1 10 ? 6.170   -8.135  -12.226 1.00 22.50 ? 10  DG  A C8    1 
ATOM   194 N  N7    . DG  A 1 10 ? 7.182   -7.977  -11.409 1.00 16.22 ? 10  DG  A N7    1 
ATOM   195 C  C5    . DG  A 1 10 ? 7.555   -6.653  -11.579 1.00 16.19 ? 10  DG  A C5    1 
ATOM   196 C  C6    . DG  A 1 10 ? 8.575   -5.878  -10.976 1.00 17.10 ? 10  DG  A C6    1 
ATOM   197 O  O6    . DG  A 1 10 ? 9.411   -6.267  -10.154 1.00 10.61 ? 10  DG  A O6    1 
ATOM   198 N  N1    . DG  A 1 10 ? 8.646   -4.560  -11.406 1.00 9.75  ? 10  DG  A N1    1 
ATOM   199 C  C2    . DG  A 1 10 ? 7.746   -4.078  -12.313 1.00 8.26  ? 10  DG  A C2    1 
ATOM   200 N  N2    . DG  A 1 10 ? 7.921   -2.772  -12.646 1.00 14.68 ? 10  DG  A N2    1 
ATOM   201 N  N3    . DG  A 1 10 ? 6.788   -4.760  -12.922 1.00 14.29 ? 10  DG  A N3    1 
ATOM   202 C  C4    . DG  A 1 10 ? 6.729   -6.037  -12.499 1.00 13.04 ? 10  DG  A C4    1 
ATOM   203 O  "O5'" . DC  B 1 1  ? 15.091  3.188   -11.079 1.00 31.43 ? 11  DC  B "O5'" 1 
ATOM   204 C  "C5'" . DC  B 1 1  ? 14.569  1.981   -11.696 1.00 22.13 ? 11  DC  B "C5'" 1 
ATOM   205 C  "C4'" . DC  B 1 1  ? 13.064  2.126   -11.685 1.00 16.11 ? 11  DC  B "C4'" 1 
ATOM   206 O  "O4'" . DC  B 1 1  ? 12.438  0.857   -11.675 1.00 18.46 ? 11  DC  B "O4'" 1 
ATOM   207 C  "C3'" . DC  B 1 1  ? 12.442  2.837   -10.488 1.00 18.40 ? 11  DC  B "C3'" 1 
ATOM   208 O  "O3'" . DC  B 1 1  ? 11.165  3.384   -10.831 1.00 20.05 ? 11  DC  B "O3'" 1 
ATOM   209 C  "C2'" . DC  B 1 1  ? 12.294  1.669   -9.487  1.00 10.97 ? 11  DC  B "C2'" 1 
ATOM   210 C  "C1'" . DC  B 1 1  ? 11.690  0.683   -10.465 1.00 15.58 ? 11  DC  B "C1'" 1 
ATOM   211 N  N1    . DC  B 1 1  ? 11.768  -0.710  -10.027 1.00 16.76 ? 11  DC  B N1    1 
ATOM   212 C  C2    . DC  B 1 1  ? 10.777  -1.550  -10.526 1.00 22.43 ? 11  DC  B C2    1 
ATOM   213 O  O2    . DC  B 1 1  ? 9.898   -1.119  -11.281 1.00 14.05 ? 11  DC  B O2    1 
ATOM   214 N  N3    . DC  B 1 1  ? 10.802  -2.864  -10.147 1.00 20.12 ? 11  DC  B N3    1 
ATOM   215 C  C4    . DC  B 1 1  ? 11.769  -3.345  -9.314  1.00 8.78  ? 11  DC  B C4    1 
ATOM   216 N  N4    . DC  B 1 1  ? 11.722  -4.644  -8.992  1.00 14.57 ? 11  DC  B N4    1 
ATOM   217 C  C5    . DC  B 1 1  ? 12.768  -2.483  -8.821  1.00 17.31 ? 11  DC  B C5    1 
ATOM   218 C  C6    . DC  B 1 1  ? 12.728  -1.198  -9.192  1.00 14.83 ? 11  DC  B C6    1 
ATOM   219 P  P     . DG  B 1 2  ? 10.729  4.818   -10.241 1.00 26.42 ? 12  DG  B P     1 
ATOM   220 O  OP1   . DG  B 1 2  ? 11.727  5.727   -10.797 1.00 16.57 ? 12  DG  B OP1   1 
ATOM   221 O  OP2   . DG  B 1 2  ? 10.745  4.701   -8.744  1.00 41.57 ? 12  DG  B OP2   1 
ATOM   222 O  "O5'" . DG  B 1 2  ? 9.250   5.013   -10.793 1.00 9.61  ? 12  DG  B "O5'" 1 
ATOM   223 C  "C5'" . DG  B 1 2  ? 9.034   4.933   -12.226 1.00 12.02 ? 12  DG  B "C5'" 1 
ATOM   224 C  "C4'" . DG  B 1 2  ? 7.703   4.237   -12.312 1.00 10.88 ? 12  DG  B "C4'" 1 
ATOM   225 O  "O4'" . DG  B 1 2  ? 7.846   2.893   -11.889 1.00 20.39 ? 12  DG  B "O4'" 1 
ATOM   226 C  "C3'" . DG  B 1 2  ? 6.626   4.863   -11.407 1.00 7.52  ? 12  DG  B "C3'" 1 
ATOM   227 O  "O3'" . DG  B 1 2  ? 5.374   4.819   -12.057 1.00 13.94 ? 12  DG  B "O3'" 1 
ATOM   228 C  "C2'" . DG  B 1 2  ? 6.721   3.997   -10.145 1.00 11.21 ? 12  DG  B "C2'" 1 
ATOM   229 C  "C1'" . DG  B 1 2  ? 6.916   2.648   -10.792 1.00 8.33  ? 12  DG  B "C1'" 1 
ATOM   230 N  N9    . DG  B 1 2  ? 7.495   1.669   -9.872  1.00 10.71 ? 12  DG  B N9    1 
ATOM   231 C  C8    . DG  B 1 2  ? 8.528   1.875   -8.979  1.00 11.64 ? 12  DG  B C8    1 
ATOM   232 N  N7    . DG  B 1 2  ? 8.879   0.814   -8.316  1.00 22.59 ? 12  DG  B N7    1 
ATOM   233 C  C5    . DG  B 1 2  ? 8.026   -0.177  -8.807  1.00 21.44 ? 12  DG  B C5    1 
ATOM   234 C  C6    . DG  B 1 2  ? 7.896   -1.556  -8.466  1.00 9.26  ? 12  DG  B C6    1 
ATOM   235 O  O6    . DG  B 1 2  ? 8.575   -2.178  -7.643  1.00 5.78  ? 12  DG  B O6    1 
ATOM   236 N  N1    . DG  B 1 2  ? 6.937   -2.218  -9.158  1.00 12.57 ? 12  DG  B N1    1 
ATOM   237 C  C2    . DG  B 1 2  ? 6.156   -1.609  -10.110 1.00 12.00 ? 12  DG  B C2    1 
ATOM   238 N  N2    . DG  B 1 2  ? 5.263   -2.425  -10.668 1.00 7.23  ? 12  DG  B N2    1 
ATOM   239 N  N3    . DG  B 1 2  ? 6.224   -0.311  -10.462 1.00 5.60  ? 12  DG  B N3    1 
ATOM   240 C  C4    . DG  B 1 2  ? 7.169   0.339   -9.781  1.00 8.85  ? 12  DG  B C4    1 
ATOM   241 P  P     . DA  B 1 3  ? 3.916   5.049   -11.457 1.00 17.79 ? 13  DA  B P     1 
ATOM   242 O  OP1   . DA  B 1 3  ? 3.234   5.852   -12.503 1.00 22.72 ? 13  DA  B OP1   1 
ATOM   243 O  OP2   . DA  B 1 3  ? 3.986   5.687   -10.136 1.00 18.32 ? 13  DA  B OP2   1 
ATOM   244 O  "O5'" . DA  B 1 3  ? 3.376   3.546   -11.330 1.00 15.21 ? 13  DA  B "O5'" 1 
ATOM   245 C  "C5'" . DA  B 1 3  ? 3.268   2.643   -12.414 1.00 12.19 ? 13  DA  B "C5'" 1 
ATOM   246 C  "C4'" . DA  B 1 3  ? 2.371   1.490   -12.010 1.00 17.12 ? 13  DA  B "C4'" 1 
ATOM   247 O  "O4'" . DA  B 1 3  ? 2.987   0.642   -11.086 1.00 17.34 ? 13  DA  B "O4'" 1 
ATOM   248 C  "C3'" . DA  B 1 3  ? 1.031   1.915   -11.372 1.00 12.12 ? 13  DA  B "C3'" 1 
ATOM   249 O  "O3'" . DA  B 1 3  ? -0.023  1.175   -11.957 1.00 8.88  ? 13  DA  B "O3'" 1 
ATOM   250 C  "C2'" . DA  B 1 3  ? 1.251   1.693   -9.892  1.00 14.28 ? 13  DA  B "C2'" 1 
ATOM   251 C  "C1'" . DA  B 1 3  ? 2.218   0.609   -9.810  1.00 11.20 ? 13  DA  B "C1'" 1 
ATOM   252 N  N9    . DA  B 1 3  ? 3.234   0.701   -8.742  1.00 5.42  ? 13  DA  B N9    1 
ATOM   253 C  C8    . DA  B 1 3  ? 3.982   1.767   -8.349  1.00 13.42 ? 13  DA  B C8    1 
ATOM   254 N  N7    . DA  B 1 3  ? 4.875   1.504   -7.440  1.00 17.00 ? 13  DA  B N7    1 
ATOM   255 C  C5    . DA  B 1 3  ? 4.719   0.144   -7.221  1.00 8.57  ? 13  DA  B C5    1 
ATOM   256 C  C6    . DA  B 1 3  ? 5.384   -0.747  -6.334  1.00 2.12  ? 13  DA  B C6    1 
ATOM   257 N  N6    . DA  B 1 3  ? 6.370   -0.372  -5.547  1.00 8.01  ? 13  DA  B N6    1 
ATOM   258 N  N1    . DA  B 1 3  ? 4.961   -2.051  -6.400  1.00 6.72  ? 13  DA  B N1    1 
ATOM   259 C  C2    . DA  B 1 3  ? 3.987   -2.452  -7.244  1.00 2.61  ? 13  DA  B C2    1 
ATOM   260 N  N3    . DA  B 1 3  ? 3.295   -1.657  -8.098  1.00 8.45  ? 13  DA  B N3    1 
ATOM   261 C  C4    . DA  B 1 3  ? 3.729   -0.382  -8.034  1.00 14.52 ? 13  DA  B C4    1 
ATOM   262 P  P     . DT  B 1 4  ? -1.511  1.024   -11.440 1.00 20.75 ? 14  DT  B P     1 
ATOM   263 O  OP1   . DT  B 1 4  ? -2.315  0.479   -12.548 1.00 17.41 ? 14  DT  B OP1   1 
ATOM   264 O  OP2   . DT  B 1 4  ? -2.074  2.213   -10.746 1.00 20.93 ? 14  DT  B OP2   1 
ATOM   265 O  "O5'" . DT  B 1 4  ? -1.324  -0.117  -10.302 1.00 18.16 ? 14  DT  B "O5'" 1 
ATOM   266 C  "C5'" . DT  B 1 4  ? -1.065  -1.486  -10.828 1.00 9.40  ? 14  DT  B "C5'" 1 
ATOM   267 C  "C4'" . DT  B 1 4  ? -1.067  -2.273  -9.509  1.00 14.53 ? 14  DT  B "C4'" 1 
ATOM   268 O  "O4'" . DT  B 1 4  ? -0.131  -1.742  -8.650  1.00 17.61 ? 14  DT  B "O4'" 1 
ATOM   269 C  "C3'" . DT  B 1 4  ? -2.416  -2.226  -8.791  1.00 21.05 ? 14  DT  B "C3'" 1 
ATOM   270 O  "O3'" . DT  B 1 4  ? -2.997  -3.515  -8.838  1.00 29.19 ? 14  DT  B "O3'" 1 
ATOM   271 C  "C2'" . DT  B 1 4  ? -2.074  -1.698  -7.401  1.00 22.03 ? 14  DT  B "C2'" 1 
ATOM   272 C  "C1'" . DT  B 1 4  ? -0.640  -1.989  -7.250  1.00 10.92 ? 14  DT  B "C1'" 1 
ATOM   273 N  N1    . DT  B 1 4  ? 0.223   -1.186  -6.387  1.00 15.60 ? 14  DT  B N1    1 
ATOM   274 C  C2    . DT  B 1 4  ? 1.040   -1.889  -5.498  1.00 11.74 ? 14  DT  B C2    1 
ATOM   275 O  O2    . DT  B 1 4  ? 0.919   -3.108  -5.402  1.00 13.84 ? 14  DT  B O2    1 
ATOM   276 N  N3    . DT  B 1 4  ? 1.938   -1.200  -4.739  1.00 6.35  ? 14  DT  B N3    1 
ATOM   277 C  C4    . DT  B 1 4  ? 2.055   0.152   -4.816  1.00 13.76 ? 14  DT  B C4    1 
ATOM   278 O  O4    . DT  B 1 4  ? 2.902   0.696   -4.061  1.00 12.33 ? 14  DT  B O4    1 
ATOM   279 C  C5    . DT  B 1 4  ? 1.241   0.869   -5.750  1.00 15.32 ? 14  DT  B C5    1 
ATOM   280 C  C7    . DT  B 1 4  ? 1.377   2.357   -5.879  1.00 17.63 ? 14  DT  B C7    1 
ATOM   281 C  C6    . DT  B 1 4  ? 0.385   0.175   -6.500  1.00 20.18 ? 14  DT  B C6    1 
ATOM   282 P  P     . DA  B 1 5  ? -4.419  -3.934  -8.231  1.00 23.33 ? 15  DA  B P     1 
ATOM   283 O  OP1   . DA  B 1 5  ? -4.853  -4.982  -9.229  1.00 15.32 ? 15  DA  B OP1   1 
ATOM   284 O  OP2   . DA  B 1 5  ? -5.310  -2.782  -8.023  1.00 16.13 ? 15  DA  B OP2   1 
ATOM   285 O  "O5'" . DA  B 1 5  ? -4.044  -4.641  -6.822  1.00 15.94 ? 15  DA  B "O5'" 1 
ATOM   286 C  "C5'" . DA  B 1 5  ? -3.121  -5.743  -6.823  1.00 23.47 ? 15  DA  B "C5'" 1 
ATOM   287 C  "C4'" . DA  B 1 5  ? -2.863  -6.058  -5.342  1.00 19.34 ? 15  DA  B "C4'" 1 
ATOM   288 O  "O4'" . DA  B 1 5  ? -2.133  -5.018  -4.758  1.00 13.08 ? 15  DA  B "O4'" 1 
ATOM   289 C  "C3'" . DA  B 1 5  ? -4.115  -6.249  -4.515  1.00 19.84 ? 15  DA  B "C3'" 1 
ATOM   290 O  "O3'" . DA  B 1 5  ? -4.026  -7.507  -3.801  1.00 21.74 ? 15  DA  B "O3'" 1 
ATOM   291 C  "C2'" . DA  B 1 5  ? -4.163  -5.028  -3.606  1.00 18.98 ? 15  DA  B "C2'" 1 
ATOM   292 C  "C1'" . DA  B 1 5  ? -2.751  -4.660  -3.469  1.00 7.78  ? 15  DA  B "C1'" 1 
ATOM   293 N  N9    . DA  B 1 5  ? -2.463  -3.233  -3.351  1.00 10.28 ? 15  DA  B N9    1 
ATOM   294 C  C8    . DA  B 1 5  ? -3.079  -2.185  -3.999  1.00 17.77 ? 15  DA  B C8    1 
ATOM   295 N  N7    . DA  B 1 5  ? -2.540  -1.034  -3.761  1.00 11.84 ? 15  DA  B N7    1 
ATOM   296 C  C5    . DA  B 1 5  ? -1.473  -1.331  -2.909  1.00 16.34 ? 15  DA  B C5    1 
ATOM   297 C  C6    . DA  B 1 5  ? -0.505  -0.500  -2.293  1.00 9.50  ? 15  DA  B C6    1 
ATOM   298 N  N6    . DA  B 1 5  ? -0.429  0.773   -2.461  1.00 9.69  ? 15  DA  B N6    1 
ATOM   299 N  N1    . DA  B 1 5  ? 0.414   -1.165  -1.521  1.00 11.31 ? 15  DA  B N1    1 
ATOM   300 C  C2    . DA  B 1 5  ? 0.383   -2.524  -1.374  1.00 11.91 ? 15  DA  B C2    1 
ATOM   301 N  N3    . DA  B 1 5  ? -0.482  -3.352  -1.920  1.00 11.27 ? 15  DA  B N3    1 
ATOM   302 C  C4    . DA  B 1 5  ? -1.403  -2.683  -2.684  1.00 15.13 ? 15  DA  B C4    1 
ATOM   303 P  P     . DT  B 1 6  ? -5.167  -7.931  -2.805  1.00 19.01 ? 16  DT  B P     1 
ATOM   304 O  OP1   . DT  B 1 6  ? -5.250  -9.424  -2.922  1.00 32.05 ? 16  DT  B OP1   1 
ATOM   305 O  OP2   . DT  B 1 6  ? -6.483  -7.282  -3.117  1.00 17.37 ? 16  DT  B OP2   1 
ATOM   306 O  "O5'" . DT  B 1 6  ? -4.645  -7.408  -1.397  1.00 22.87 ? 16  DT  B "O5'" 1 
ATOM   307 C  "C5'" . DT  B 1 6  ? -3.326  -7.812  -0.922  1.00 13.48 ? 16  DT  B "C5'" 1 
ATOM   308 C  "C4'" . DT  B 1 6  ? -3.177  -7.042  0.388   1.00 17.70 ? 16  DT  B "C4'" 1 
ATOM   309 O  "O4'" . DT  B 1 6  ? -2.863  -5.695  0.023   1.00 11.59 ? 16  DT  B "O4'" 1 
ATOM   310 C  "C3'" . DT  B 1 6  ? -4.394  -6.986  1.282   1.00 8.46  ? 16  DT  B "C3'" 1 
ATOM   311 O  "O3'" . DT  B 1 6  ? -4.116  -7.104  2.673   1.00 25.39 ? 16  DT  B "O3'" 1 
ATOM   312 C  "C2'" . DT  B 1 6  ? -4.989  -5.583  0.959   1.00 9.77  ? 16  DT  B "C2'" 1 
ATOM   313 C  "C1'" . DT  B 1 6  ? -3.659  -4.859  0.895   1.00 10.58 ? 16  DT  B "C1'" 1 
ATOM   314 N  N1    . DT  B 1 6  ? -3.718  -3.491  0.403   1.00 18.24 ? 16  DT  B N1    1 
ATOM   315 C  C2    . DT  B 1 6  ? -2.759  -2.633  0.929   1.00 14.32 ? 16  DT  B C2    1 
ATOM   316 O  O2    . DT  B 1 6  ? -1.929  -3.053  1.759   1.00 10.47 ? 16  DT  B O2    1 
ATOM   317 N  N3    . DT  B 1 6  ? -2.769  -1.334  0.522   1.00 11.78 ? 16  DT  B N3    1 
ATOM   318 C  C4    . DT  B 1 6  ? -3.676  -0.880  -0.407  1.00 8.09  ? 16  DT  B C4    1 
ATOM   319 O  O4    . DT  B 1 6  ? -3.562  0.347   -0.721  1.00 11.93 ? 16  DT  B O4    1 
ATOM   320 C  C5    . DT  B 1 6  ? -4.625  -1.766  -0.950  1.00 11.10 ? 16  DT  B C5    1 
ATOM   321 C  C7    . DT  B 1 6  ? -5.636  -1.304  -1.960  1.00 12.72 ? 16  DT  B C7    1 
ATOM   322 C  C6    . DT  B 1 6  ? -4.615  -3.055  -0.541  1.00 11.73 ? 16  DT  B C6    1 
ATOM   323 P  P     . DA  B 1 7  ? -4.663  -8.265  3.685   1.00 20.00 ? 17  DA  B P     1 
ATOM   324 O  OP1   . DA  B 1 7  ? -3.950  -9.463  3.264   1.00 26.31 ? 17  DA  B OP1   1 
ATOM   325 O  OP2   . DA  B 1 7  ? -6.162  -8.329  3.628   1.00 21.79 ? 17  DA  B OP2   1 
ATOM   326 O  "O5'" . DA  B 1 7  ? -4.315  -7.578  5.108   1.00 16.97 ? 17  DA  B "O5'" 1 
ATOM   327 C  "C5'" . DA  B 1 7  ? -3.008  -7.552  5.608   1.00 22.18 ? 17  DA  B "C5'" 1 
ATOM   328 C  "C4'" . DA  B 1 7  ? -2.565  -6.182  5.932   1.00 19.53 ? 17  DA  B "C4'" 1 
ATOM   329 O  "O4'" . DA  B 1 7  ? -2.804  -5.301  4.800   1.00 12.13 ? 17  DA  B "O4'" 1 
ATOM   330 C  "C3'" . DA  B 1 7  ? -3.209  -5.410  7.064   1.00 17.16 ? 17  DA  B "C3'" 1 
ATOM   331 O  "O3'" . DA  B 1 7  ? -2.880  -5.836  8.366   1.00 12.14 ? 17  DA  B "O3'" 1 
ATOM   332 C  "C2'" . DA  B 1 7  ? -2.606  -3.993  6.784   1.00 9.94  ? 17  DA  B "C2'" 1 
ATOM   333 C  "C1'" . DA  B 1 7  ? -2.461  -3.960  5.353   1.00 12.27 ? 17  DA  B "C1'" 1 
ATOM   334 N  N9    . DA  B 1 7  ? -3.362  -3.033  4.637   1.00 4.33  ? 17  DA  B N9    1 
ATOM   335 C  C8    . DA  B 1 7  ? -4.452  -3.373  3.907   1.00 3.31  ? 17  DA  B C8    1 
ATOM   336 N  N7    . DA  B 1 7  ? -5.026  -2.346  3.316   1.00 2.81  ? 17  DA  B N7    1 
ATOM   337 C  C5    . DA  B 1 7  ? -4.236  -1.273  3.673   1.00 10.11 ? 17  DA  B C5    1 
ATOM   338 C  C6    . DA  B 1 7  ? -4.329  0.112   3.350   1.00 8.88  ? 17  DA  B C6    1 
ATOM   339 N  N6    . DA  B 1 7  ? -5.281  0.570   2.517   1.00 10.01 ? 17  DA  B N6    1 
ATOM   340 N  N1    . DA  B 1 7  ? -3.383  0.892   3.866   1.00 8.76  ? 17  DA  B N1    1 
ATOM   341 C  C2    . DA  B 1 7  ? -2.362  0.366   4.661   1.00 4.52  ? 17  DA  B C2    1 
ATOM   342 N  N3    . DA  B 1 7  ? -2.217  -0.908  5.000   1.00 11.57 ? 17  DA  B N3    1 
ATOM   343 C  C4    . DA  B 1 7  ? -3.193  -1.675  4.481   1.00 11.35 ? 17  DA  B C4    1 
ATOM   344 P  P     . DT  B 1 8  ? -3.446  -5.349  9.722   1.00 12.63 ? 18  DT  B P     1 
ATOM   345 O  OP1   . DT  B 1 8  ? -3.053  -6.217  10.853  1.00 15.79 ? 18  DT  B OP1   1 
ATOM   346 O  OP2   . DT  B 1 8  ? -4.956  -5.199  9.677   1.00 16.71 ? 18  DT  B OP2   1 
ATOM   347 O  "O5'" . DT  B 1 8  ? -2.779  -3.903  10.020  1.00 10.49 ? 18  DT  B "O5'" 1 
ATOM   348 C  "C5'" . DT  B 1 8  ? -1.323  -3.881  10.129  1.00 4.80  ? 18  DT  B "C5'" 1 
ATOM   349 C  "C4'" . DT  B 1 8  ? -0.996  -2.418  10.315  1.00 10.61 ? 18  DT  B "C4'" 1 
ATOM   350 O  "O4'" . DT  B 1 8  ? -1.470  -1.678  9.232   1.00 9.58  ? 18  DT  B "O4'" 1 
ATOM   351 C  "C3'" . DT  B 1 8  ? -1.603  -1.760  11.578  1.00 13.73 ? 18  DT  B "C3'" 1 
ATOM   352 O  "O3'" . DT  B 1 8  ? -0.631  -0.927  12.145  1.00 17.84 ? 18  DT  B "O3'" 1 
ATOM   353 C  "C2'" . DT  B 1 8  ? -2.816  -1.017  11.039  1.00 9.45  ? 18  DT  B "C2'" 1 
ATOM   354 C  "C1'" . DT  B 1 8  ? -2.328  -0.602  9.669   1.00 6.47  ? 18  DT  B "C1'" 1 
ATOM   355 N  N1    . DT  B 1 8  ? -3.424  -0.423  8.728   1.00 10.30 ? 18  DT  B N1    1 
ATOM   356 C  C2    . DT  B 1 8  ? -3.546  0.839   8.099   1.00 11.37 ? 18  DT  B C2    1 
ATOM   357 O  O2    . DT  B 1 8  ? -2.756  1.718   8.329   1.00 9.37  ? 18  DT  B O2    1 
ATOM   358 N  N3    . DT  B 1 8  ? -4.575  0.982   7.218   1.00 6.18  ? 18  DT  B N3    1 
ATOM   359 C  C4    . DT  B 1 8  ? -5.463  0.012   6.920   1.00 13.66 ? 18  DT  B C4    1 
ATOM   360 O  O4    . DT  B 1 8  ? -6.382  0.271   6.103   1.00 12.12 ? 18  DT  B O4    1 
ATOM   361 C  C5    . DT  B 1 8  ? -5.315  -1.267  7.564   1.00 15.02 ? 18  DT  B C5    1 
ATOM   362 C  C7    . DT  B 1 8  ? -6.290  -2.377  7.281   1.00 17.84 ? 18  DT  B C7    1 
ATOM   363 C  C6    . DT  B 1 8  ? -4.326  -1.398  8.424   1.00 7.46  ? 18  DT  B C6    1 
ATOM   364 P  P     . DC  B 1 9  ? -0.539  -0.001  13.395  1.00 17.11 ? 19  DC  B P     1 
ATOM   365 O  OP1   . DC  B 1 9  ? 0.931   -0.017  13.674  1.00 25.23 ? 19  DC  B OP1   1 
ATOM   366 O  OP2   . DC  B 1 9  ? -1.428  -0.414  14.491  1.00 26.71 ? 19  DC  B OP2   1 
ATOM   367 O  "O5'" . DC  B 1 9  ? -0.948  1.478   12.900  1.00 30.80 ? 19  DC  B "O5'" 1 
ATOM   368 C  "C5'" . DC  B 1 9  ? -0.641  1.847   11.546  1.00 25.57 ? 19  DC  B "C5'" 1 
ATOM   369 C  "C4'" . DC  B 1 9  ? -0.645  3.360   11.525  1.00 24.77 ? 19  DC  B "C4'" 1 
ATOM   370 O  "O4'" . DC  B 1 9  ? -1.691  3.842   10.728  1.00 25.74 ? 19  DC  B "O4'" 1 
ATOM   371 C  "C3'" . DC  B 1 9  ? -0.867  4.023   12.896  1.00 25.82 ? 19  DC  B "C3'" 1 
ATOM   372 O  "O3'" . DC  B 1 9  ? -0.206  5.278   12.939  1.00 37.26 ? 19  DC  B "O3'" 1 
ATOM   373 C  "C2'" . DC  B 1 9  ? -2.387  4.058   12.970  1.00 24.50 ? 19  DC  B "C2'" 1 
ATOM   374 C  "C1'" . DC  B 1 9  ? -2.793  4.298   11.531  1.00 19.83 ? 19  DC  B "C1'" 1 
ATOM   375 N  N1    . DC  B 1 9  ? -4.014  3.576   11.131  1.00 16.70 ? 19  DC  B N1    1 
ATOM   376 C  C2    . DC  B 1 9  ? -4.881  4.249   10.263  1.00 15.14 ? 19  DC  B C2    1 
ATOM   377 O  O2    . DC  B 1 9  ? -4.659  5.409   9.902   1.00 12.16 ? 19  DC  B O2    1 
ATOM   378 N  N3    . DC  B 1 9  ? -6.009  3.593   9.854   1.00 20.30 ? 19  DC  B N3    1 
ATOM   379 C  C4    . DC  B 1 9  ? -6.286  2.317   10.227  1.00 13.93 ? 19  DC  B C4    1 
ATOM   380 N  N4    . DC  B 1 9  ? -7.401  1.738   9.804   1.00 14.53 ? 19  DC  B N4    1 
ATOM   381 C  C5    . DC  B 1 9  ? -5.384  1.638   11.107  1.00 19.97 ? 19  DC  B C5    1 
ATOM   382 C  C6    . DC  B 1 9  ? -4.292  2.297   11.500  1.00 14.52 ? 19  DC  B C6    1 
ATOM   383 P  P     . DG  B 1 10 ? -0.312  6.284   14.184  1.00 36.27 ? 20  DG  B P     1 
ATOM   384 O  OP1   . DG  B 1 10 ? 1.096   6.448   14.612  1.00 61.49 ? 20  DG  B OP1   1 
ATOM   385 O  OP2   . DG  B 1 10 ? -1.158  5.655   15.292  1.00 35.16 ? 20  DG  B OP2   1 
ATOM   386 O  "O5'" . DG  B 1 10 ? -0.979  7.580   13.553  1.00 41.03 ? 20  DG  B "O5'" 1 
ATOM   387 C  "C5'" . DG  B 1 10 ? -1.908  7.531   12.468  1.00 36.09 ? 20  DG  B "C5'" 1 
ATOM   388 C  "C4'" . DG  B 1 10 ? -2.827  8.714   12.523  1.00 25.62 ? 20  DG  B "C4'" 1 
ATOM   389 O  "O4'" . DG  B 1 10 ? -4.152  8.294   12.120  1.00 23.84 ? 20  DG  B "O4'" 1 
ATOM   390 C  "C3'" . DG  B 1 10 ? -3.057  9.378   13.869  1.00 17.89 ? 20  DG  B "C3'" 1 
ATOM   391 O  "O3'" . DG  B 1 10 ? -3.559  10.722  13.734  1.00 20.98 ? 20  DG  B "O3'" 1 
ATOM   392 C  "C2'" . DG  B 1 10 ? -4.093  8.425   14.492  1.00 18.37 ? 20  DG  B "C2'" 1 
ATOM   393 C  "C1'" . DG  B 1 10 ? -4.989  8.210   13.283  1.00 19.24 ? 20  DG  B "C1'" 1 
ATOM   394 N  N9    . DG  B 1 10 ? -5.672  6.918   13.336  1.00 19.38 ? 20  DG  B N9    1 
ATOM   395 C  C8    . DG  B 1 10 ? -5.338  5.809   14.079  1.00 17.49 ? 20  DG  B C8    1 
ATOM   396 N  N7    . DG  B 1 10 ? -6.134  4.803   13.901  1.00 15.56 ? 20  DG  B N7    1 
ATOM   397 C  C5    . DG  B 1 10 ? -7.061  5.252   12.967  1.00 12.46 ? 20  DG  B C5    1 
ATOM   398 C  C6    . DG  B 1 10 ? -8.177  4.618   12.364  1.00 9.32  ? 20  DG  B C6    1 
ATOM   399 O  O6    . DG  B 1 10 ? -8.534  3.454   12.548  1.00 10.76 ? 20  DG  B O6    1 
ATOM   400 N  N1    . DG  B 1 10 ? -8.856  5.374   11.448  1.00 3.80  ? 20  DG  B N1    1 
ATOM   401 C  C2    . DG  B 1 10 ? -8.491  6.670   11.191  1.00 12.18 ? 20  DG  B C2    1 
ATOM   402 N  N2    . DG  B 1 10 ? -9.233  7.335   10.311  1.00 8.30  ? 20  DG  B N2    1 
ATOM   403 N  N3    . DG  B 1 10 ? -7.447  7.310   11.727  1.00 18.57 ? 20  DG  B N3    1 
ATOM   404 C  C4    . DG  B 1 10 ? -6.785  6.552   12.615  1.00 11.45 ? 20  DG  B C4    1 
HETATM 405 CA CA    . CA  C 2 .  ? 2.280   -2.383  6.725   1.00 16.80 ? 21  CA  A CA    1 
HETATM 406 O  O     . HOH D 3 .  ? 2.059   -3.965  -9.719  1.00 14.99 ? 22  HOH A O     1 
HETATM 407 O  O     . HOH D 3 .  ? -6.734  8.367   0.508   1.00 18.67 ? 23  HOH A O     1 
HETATM 408 O  O     . HOH D 3 .  ? -8.027  14.713  3.381   1.00 23.38 ? 25  HOH A O     1 
HETATM 409 O  O     . HOH D 3 .  ? 0.340   -5.593  -8.435  1.00 10.33 ? 26  HOH A O     1 
HETATM 410 O  O     . HOH D 3 .  ? 10.587  -6.986  -6.157  1.00 18.61 ? 27  HOH A O     1 
HETATM 411 O  O     . HOH D 3 .  ? 8.841   2.403   0.636   1.00 18.99 ? 28  HOH A O     1 
HETATM 412 O  O     . HOH D 3 .  ? 1.648   -5.860  -5.739  1.00 28.66 ? 30  HOH A O     1 
HETATM 413 O  O     . HOH D 3 .  ? 6.601   -3.607  6.987   1.00 14.04 ? 33  HOH A O     1 
HETATM 414 O  O     . HOH D 3 .  ? 4.340   -15.004 -5.475  1.00 19.57 ? 35  HOH A O     1 
HETATM 415 O  O     . HOH D 3 .  ? 5.844   0.841   8.909   1.00 38.90 ? 37  HOH A O     1 
HETATM 416 O  O     . HOH D 3 .  ? -3.452  7.895   8.360   1.00 28.48 ? 38  HOH A O     1 
HETATM 417 O  O     . HOH D 3 .  ? 7.196   3.335   2.202   1.00 18.56 ? 40  HOH A O     1 
HETATM 418 O  O     . HOH D 3 .  ? 7.213   5.817   6.877   1.00 29.12 ? 41  HOH A O     1 
HETATM 419 O  O     . HOH D 3 .  ? 2.049   -3.074  -12.030 1.00 24.23 ? 44  HOH A O     1 
HETATM 420 O  O     . HOH D 3 .  ? 7.394   8.055   4.901   1.00 32.94 ? 46  HOH A O     1 
HETATM 421 O  O     . HOH D 3 .  ? -1.412  -6.714  -9.818  1.00 24.07 ? 47  HOH A O     1 
HETATM 422 O  O     . HOH D 3 .  ? 3.078   -7.572  3.103   1.00 25.27 ? 51  HOH A O     1 
HETATM 423 O  O     . HOH D 3 .  ? 1.611   -3.745  2.584   1.00 30.66 ? 52  HOH A O     1 
HETATM 424 O  O     . HOH D 3 .  ? 4.668   -11.121 -11.979 1.00 26.27 ? 53  HOH A O     1 
HETATM 425 O  O     . HOH D 3 .  ? 7.099   1.669   -2.006  1.00 31.51 ? 55  HOH A O     1 
HETATM 426 O  O     . HOH D 3 .  ? 5.924   5.869   2.192   1.00 30.40 ? 57  HOH A O     1 
HETATM 427 O  O     . HOH D 3 .  ? 2.293   -6.497  -0.674  1.00 29.02 ? 59  HOH A O     1 
HETATM 428 O  O     . HOH D 3 .  ? 5.116   -3.286  -14.931 1.00 25.45 ? 60  HOH A O     1 
HETATM 429 O  O     . HOH D 3 .  ? -7.707  6.610   -0.913  1.00 29.09 ? 62  HOH A O     1 
HETATM 430 O  O     . HOH D 3 .  ? 5.832   -0.975  -14.921 1.00 39.25 ? 65  HOH A O     1 
HETATM 431 O  O     . HOH D 3 .  ? -8.115  4.514   1.466   1.00 24.33 ? 68  HOH A O     1 
HETATM 432 O  O     . HOH D 3 .  ? -16.426 8.830   5.665   1.00 28.49 ? 69  HOH A O     1 
HETATM 433 O  O     . HOH D 3 .  ? 3.319   -12.187 1.368   1.00 27.47 ? 70  HOH A O     1 
HETATM 434 O  O     . HOH D 3 .  ? 0.162   5.335   -0.119  1.00 28.65 ? 72  HOH A O     1 
HETATM 435 O  O     . HOH D 3 .  ? 5.008   -11.771 3.274   1.00 33.18 ? 73  HOH A O     1 
HETATM 436 O  O     . HOH D 3 .  ? -17.765 6.694   1.088   1.00 39.72 ? 74  HOH A O     1 
HETATM 437 O  O     . HOH D 3 .  ? 7.431   -13.643 -6.929  1.00 42.82 ? 75  HOH A O     1 
HETATM 438 O  O     . HOH D 3 .  ? -1.532  -9.758  -14.233 1.00 42.22 ? 76  HOH A O     1 
HETATM 439 O  O     . HOH D 3 .  ? 8.574   -0.062  -1.202  1.00 38.88 ? 77  HOH A O     1 
HETATM 440 O  O     . HOH D 3 .  ? -1.571  -5.341  -12.717 1.00 33.28 ? 78  HOH A O     1 
HETATM 441 O  O     . HOH D 3 .  ? 6.128   -3.431  9.564   1.00 28.00 ? 80  HOH A O     1 
HETATM 442 O  O     . HOH D 3 .  ? 0.454   -7.306  -4.010  1.00 31.42 ? 82  HOH A O     1 
HETATM 443 O  O     . HOH D 3 .  ? -9.084  2.069   3.533   1.00 48.84 ? 83  HOH A O     1 
HETATM 444 O  O     . HOH D 3 .  ? 1.473   4.761   -2.398  1.00 35.16 ? 84  HOH A O     1 
HETATM 445 O  O     . HOH D 3 .  ? 10.977  -5.806  0.711   1.00 43.27 ? 89  HOH A O     1 
HETATM 446 O  O     . HOH D 3 .  ? 10.439  -9.633  1.772   1.00 33.19 ? 92  HOH A O     1 
HETATM 447 O  O     . HOH D 3 .  ? -11.999 3.475   1.995   1.00 28.96 ? 93  HOH A O     1 
HETATM 448 O  O     . HOH D 3 .  ? -9.220  0.632   7.361   1.00 40.54 ? 94  HOH A O     1 
HETATM 449 O  O     . HOH D 3 .  ? 9.618   -1.938  -2.280  1.00 44.77 ? 96  HOH A O     1 
HETATM 450 O  O     . HOH D 3 .  ? -1.712  4.719   -1.171  1.00 40.03 ? 98  HOH A O     1 
HETATM 451 O  O     . HOH D 3 .  ? 2.322   10.800  2.691   1.00 47.71 ? 99  HOH A O     1 
HETATM 452 O  O     . HOH D 3 .  ? 4.057   -5.276  4.031   1.00 40.94 ? 101 HOH A O     1 
HETATM 453 O  O     . HOH D 3 .  ? -2.370  14.007  7.044   1.00 42.80 ? 103 HOH A O     1 
HETATM 454 O  O     . HOH D 3 .  ? 4.021   -3.904  6.041   1.00 22.58 ? 109 HOH A O     1 
HETATM 455 O  O     . HOH D 3 .  ? 2.482   -1.119  4.736   1.00 14.92 ? 110 HOH A O     1 
HETATM 456 O  O     . HOH D 3 .  ? 1.103   -3.609  5.041   1.00 21.01 ? 111 HOH A O     1 
HETATM 457 O  O     . HOH D 3 .  ? 1.898   -3.918  8.594   1.00 16.44 ? 112 HOH A O     1 
HETATM 458 O  O     . HOH D 3 .  ? 4.439   -2.001  7.796   1.00 24.99 ? 113 HOH A O     1 
HETATM 459 O  O     . HOH D 3 .  ? 2.266   -0.513  8.189   1.00 24.30 ? 115 HOH A O     1 
HETATM 460 O  O     . HOH E 3 .  ? -0.069  6.085   8.452   1.00 21.36 ? 24  HOH B O     1 
HETATM 461 O  O     . HOH E 3 .  ? -0.572  2.727   7.811   1.00 25.59 ? 29  HOH B O     1 
HETATM 462 O  O     . HOH E 3 .  ? 9.423   1.112   -13.134 1.00 18.77 ? 31  HOH B O     1 
HETATM 463 O  O     . HOH E 3 .  ? -3.251  -5.815  13.564  1.00 20.03 ? 32  HOH B O     1 
HETATM 464 O  O     . HOH E 3 .  ? -2.572  1.879   -7.875  1.00 28.44 ? 34  HOH B O     1 
HETATM 465 O  O     . HOH E 3 .  ? -3.211  1.042   -4.887  1.00 21.60 ? 36  HOH B O     1 
HETATM 466 O  O     . HOH E 3 .  ? -7.807  -2.264  2.573   1.00 31.13 ? 39  HOH B O     1 
HETATM 467 O  O     . HOH E 3 .  ? -4.305  -8.641  10.745  1.00 17.39 ? 42  HOH B O     1 
HETATM 468 O  O     . HOH E 3 .  ? -6.267  -3.001  11.287  1.00 28.79 ? 43  HOH B O     1 
HETATM 469 O  O     . HOH E 3 .  ? 0.404   -5.795  0.400   1.00 25.11 ? 45  HOH B O     1 
HETATM 470 O  O     . HOH E 3 .  ? 2.374   2.640   15.103  1.00 40.96 ? 48  HOH B O     1 
HETATM 471 O  O     . HOH E 3 .  ? -7.009  -4.898  -2.473  1.00 28.69 ? 49  HOH B O     1 
HETATM 472 O  O     . HOH E 3 .  ? 1.188   4.869   -8.128  1.00 33.12 ? 50  HOH B O     1 
HETATM 473 O  O     . HOH E 3 .  ? 3.438   8.902   -12.351 1.00 24.74 ? 54  HOH B O     1 
HETATM 474 O  O     . HOH E 3 .  ? 5.470   0.575   -12.890 1.00 24.17 ? 56  HOH B O     1 
HETATM 475 O  O     . HOH E 3 .  ? 3.928   3.233   -4.286  1.00 42.76 ? 58  HOH B O     1 
HETATM 476 O  O     . HOH E 3 .  ? -7.560  -1.057  10.903  1.00 23.09 ? 61  HOH B O     1 
HETATM 477 O  O     . HOH E 3 .  ? -5.887  -2.626  -5.525  1.00 36.46 ? 63  HOH B O     1 
HETATM 478 O  O     . HOH E 3 .  ? 7.135   3.013   -5.777  1.00 39.62 ? 64  HOH B O     1 
HETATM 479 O  O     . HOH E 3 .  ? -3.017  15.835  11.443  1.00 42.02 ? 66  HOH B O     1 
HETATM 480 O  O     . HOH E 3 .  ? -3.990  -2.229  -12.510 1.00 36.02 ? 67  HOH B O     1 
HETATM 481 O  O     . HOH E 3 .  ? 2.532   5.036   -14.935 1.00 37.40 ? 71  HOH B O     1 
HETATM 482 O  O     . HOH E 3 .  ? 3.796   1.538   13.194  1.00 42.64 ? 79  HOH B O     1 
HETATM 483 O  O     . HOH E 3 .  ? -5.244  2.453   -1.784  1.00 34.41 ? 81  HOH B O     1 
HETATM 484 O  O     . HOH E 3 .  ? -7.957  -4.921  -5.499  1.00 39.85 ? 85  HOH B O     1 
HETATM 485 O  O     . HOH E 3 .  ? -0.723  -0.572  -14.363 1.00 33.48 ? 86  HOH B O     1 
HETATM 486 O  O     . HOH E 3 .  ? -7.814  0.405   0.660   1.00 48.09 ? 87  HOH B O     1 
HETATM 487 O  O     . HOH E 3 .  ? -2.861  12.685  11.860  1.00 43.81 ? 88  HOH B O     1 
HETATM 488 O  O     . HOH E 3 .  ? -0.159  -6.032  2.910   1.00 40.89 ? 90  HOH B O     1 
HETATM 489 O  O     . HOH E 3 .  ? -8.750  -1.075  4.910   1.00 46.82 ? 91  HOH B O     1 
HETATM 490 O  O     . HOH E 3 .  ? -5.369  -13.209 1.474   1.00 37.47 ? 95  HOH B O     1 
HETATM 491 O  O     . HOH E 3 .  ? -4.631  -2.974  13.366  1.00 36.82 ? 97  HOH B O     1 
HETATM 492 O  O     . HOH E 3 .  ? -9.829  -1.478  9.267   1.00 38.29 ? 100 HOH B O     1 
HETATM 493 O  O     . HOH E 3 .  ? -0.955  6.054   -5.361  1.00 29.23 ? 102 HOH B O     1 
HETATM 494 O  O     . HOH E 3 .  ? 1.688   5.299   -5.360  1.00 44.20 ? 104 HOH B O     1 
HETATM 495 O  O     . HOH E 3 .  ? -3.326  -11.350 0.720   1.00 48.86 ? 105 HOH B O     1 
HETATM 496 O  O     . HOH E 3 .  ? -3.740  -1.735  -15.693 1.00 39.23 ? 106 HOH B O     1 
HETATM 497 O  O     . HOH E 3 .  ? -2.187  2.992   -4.229  1.00 43.06 ? 107 HOH B O     1 
HETATM 498 O  O     . HOH E 3 .  ? -3.534  3.119   -13.772 1.00 39.64 ? 108 HOH B O     1 
HETATM 499 O  O     . HOH E 3 .  ? 0.063   -1.469  6.827   1.00 14.53 ? 114 HOH B O     1 
# 
